data_1E8Z
#
_entry.id   1E8Z
#
_cell.length_a   139.486
_cell.length_b   66.988
_cell.length_c   104.115
_cell.angle_alpha   90.00
_cell.angle_beta   97.20
_cell.angle_gamma   90.00
#
_symmetry.space_group_name_H-M   'C 1 2 1'
#
loop_
_entity.id
_entity.type
_entity.pdbx_description
1 polymer 'PHOSPHATIDYLINOSITOL 3-KINASE CATALYTIC SUBUNIT'
2 non-polymer STAUROSPORINE
3 water water
#
_entity_poly.entity_id   1
_entity_poly.type   'polypeptide(L)'
_entity_poly.pdbx_seq_one_letter_code
;MSEESQAFQRQLTALIGYDVTDVSNVHDDELEFTRRGLVTPRMAEVASRDPKLYAMHPWVTSKPLPEYLWKKIANNCIFI
VIHRSTTSQTIKVSPDDTPGAILQSFFTKMAKKKSLMDIPESQSEQDFVLRVCGRDEYLVGETPIKNFQWVRHCLKNGEE
IHVVLDTPPDPALDEVRKEEWPLVDDCTGVTGYHEQLTIHGKDHESVFTVSLWDCDRKFRVKIRGIDIPVLPRNTDLTVF
VEANIQHGQQVLCQRRTSPKPFTEEVLWNVWLEFSIKIKDLPKGALLNLQIYCGKAPALSSKASAESPSSESKGKVRLLY
YVNLLLIDHRFLLRRGEYVLHMWQISGKGEDQGSFNADKLTSATNPDKENSMSISILLDNYCHPIALPKHQPTPDPEGDR
VRAEMPNQLRKQLEAIIATDPLNPLTAEDKELLWHFRYESLKHPKAYPKLFSSVKWGQQEIVAKTYQLLARREVWDQSAL
DVGLTMQLLDCNFSDENVRAIAVQKLESLEDDDVLHYLLQLVQAVKFEPYHDSALARFLLKRGLRNKRIGHFLFWFLRSE
IAQSRHYQQRFAVILEAYLRGCGTAMLHDFTQQVQVIEMLQKVTLDIKSLSAEKYDVSSQVISQLKQKLENLQNSQLPES
FRVPYDPGLKAGALAIEKCKVMASKKKPLWLEFKCADPTALSNETIGIIFKHGDDLRQDMLILQILRIMESIWETESLDL
CLLPYGCISTGDKIGMIEIVKDATTIAKIQQSTVGNTGAFKDEVLNHWLKEKSPTEEKFQAAVERFVYSCAGYCVATFVL
GIGDRHNDNIMITETGNLFHIDFGHILGNYKSFLGINKERVPFVLTPDFLFVMGTSGKKTSPHFQKFQDICVKAYLALRH
HTNLLIILFSMMLMTGMPQLTSKEDIEYIRDALTVGKNEEDAKKYFLDQIEVCRDKGWTVQFNWFLHLVLGIKQGEKHSA
HHHHHH
;
_entity_poly.pdbx_strand_id   A
#
loop_
_chem_comp.id
_chem_comp.type
_chem_comp.name
_chem_comp.formula
STU non-polymer STAUROSPORINE 'C28 H26 N4 O3'
#
# COMPACT_ATOMS: atom_id res chain seq x y z
N SER A 2 -31.07 20.91 2.38
CA SER A 2 -31.35 21.54 3.71
C SER A 2 -30.29 22.59 4.04
N GLU A 3 -30.18 22.93 5.32
CA GLU A 3 -29.24 23.92 5.80
C GLU A 3 -28.09 23.22 6.50
N GLU A 4 -28.45 22.26 7.34
CA GLU A 4 -27.47 21.49 8.09
C GLU A 4 -26.70 20.59 7.14
N SER A 5 -27.21 20.40 5.93
CA SER A 5 -26.48 19.56 4.97
C SER A 5 -25.27 20.36 4.48
N GLN A 6 -25.44 21.68 4.38
CA GLN A 6 -24.37 22.56 3.93
C GLN A 6 -23.17 22.48 4.87
N ALA A 7 -23.45 22.45 6.16
CA ALA A 7 -22.40 22.38 7.17
C ALA A 7 -21.76 20.99 7.17
N PHE A 8 -22.59 19.96 6.99
CA PHE A 8 -22.10 18.59 6.98
C PHE A 8 -21.17 18.38 5.79
N GLN A 9 -21.55 18.92 4.64
CA GLN A 9 -20.76 18.76 3.43
C GLN A 9 -19.45 19.52 3.65
N ARG A 10 -19.53 20.55 4.48
CA ARG A 10 -18.39 21.36 4.82
C ARG A 10 -17.37 20.55 5.60
N GLN A 11 -17.83 19.83 6.63
CA GLN A 11 -16.92 19.05 7.44
C GLN A 11 -16.29 17.96 6.59
N LEU A 12 -17.10 17.28 5.77
CA LEU A 12 -16.60 16.23 4.89
C LEU A 12 -15.50 16.84 4.01
N THR A 13 -15.76 17.99 3.40
CA THR A 13 -14.74 18.61 2.58
C THR A 13 -13.41 18.73 3.35
N ALA A 14 -13.50 19.10 4.64
CA ALA A 14 -12.28 19.26 5.44
C ALA A 14 -11.69 17.94 5.84
N LEU A 15 -12.51 16.89 5.86
CA LEU A 15 -12.02 15.58 6.23
C LEU A 15 -11.30 14.96 5.04
N ILE A 16 -11.92 15.13 3.87
CA ILE A 16 -11.45 14.58 2.63
C ILE A 16 -10.19 15.31 2.15
N GLY A 17 -10.20 16.64 2.31
CA GLY A 17 -9.11 17.48 1.85
C GLY A 17 -9.39 17.87 0.41
N TYR A 18 -10.66 17.80 0.02
CA TYR A 18 -11.10 18.10 -1.36
C TYR A 18 -12.63 18.23 -1.39
N ASP A 19 -13.15 19.24 -2.07
CA ASP A 19 -14.58 19.44 -2.18
C ASP A 19 -15.15 18.65 -3.37
N VAL A 20 -15.75 17.51 -3.09
CA VAL A 20 -16.31 16.66 -4.13
C VAL A 20 -17.40 17.29 -4.98
N THR A 21 -17.92 18.45 -4.57
CA THR A 21 -18.99 19.10 -5.33
C THR A 21 -18.45 20.08 -6.36
N ASP A 22 -17.13 20.25 -6.36
CA ASP A 22 -16.43 21.12 -7.30
C ASP A 22 -16.57 20.61 -8.72
N VAL A 23 -16.78 21.50 -9.67
CA VAL A 23 -16.92 21.07 -11.06
C VAL A 23 -16.03 21.89 -11.96
N SER A 24 -15.10 22.60 -11.35
CA SER A 24 -14.18 23.43 -12.10
C SER A 24 -13.28 22.64 -13.07
N ASN A 25 -13.22 21.31 -12.90
CA ASN A 25 -12.36 20.43 -13.73
C ASN A 25 -13.15 19.20 -14.12
N VAL A 26 -14.24 19.40 -14.83
CA VAL A 26 -15.07 18.32 -15.28
C VAL A 26 -15.57 18.50 -16.75
N HIS A 27 -15.89 17.41 -17.45
CA HIS A 27 -16.41 17.51 -18.83
C HIS A 27 -17.61 16.57 -18.94
N ASP A 28 -18.11 16.19 -17.78
CA ASP A 28 -19.27 15.33 -17.76
C ASP A 28 -19.69 15.20 -16.31
N ASP A 29 -20.55 14.23 -16.06
CA ASP A 29 -21.05 14.05 -14.71
C ASP A 29 -20.77 12.69 -14.12
N GLU A 30 -19.70 12.05 -14.57
CA GLU A 30 -19.33 10.76 -14.01
C GLU A 30 -19.08 10.82 -12.48
N LEU A 31 -18.48 11.89 -11.97
CA LEU A 31 -18.28 11.95 -10.53
C LEU A 31 -19.63 11.99 -9.82
N GLU A 32 -20.48 12.96 -10.19
CA GLU A 32 -21.81 13.10 -9.58
C GLU A 32 -22.56 11.80 -9.70
N PHE A 33 -22.47 11.22 -10.88
CA PHE A 33 -23.12 9.93 -11.07
C PHE A 33 -22.57 8.91 -10.05
N THR A 34 -21.26 8.95 -9.80
CA THR A 34 -20.67 8.00 -8.88
C THR A 34 -21.09 8.32 -7.44
N ARG A 35 -21.19 9.60 -7.11
CA ARG A 35 -21.64 9.97 -5.78
C ARG A 35 -23.04 9.41 -5.60
N ARG A 36 -23.88 9.43 -6.65
CA ARG A 36 -25.24 8.88 -6.55
C ARG A 36 -25.25 7.36 -6.45
N GLY A 37 -24.56 6.71 -7.37
CA GLY A 37 -24.54 5.27 -7.32
C GLY A 37 -23.97 4.64 -6.06
N LEU A 38 -23.07 5.35 -5.35
CA LEU A 38 -22.46 4.73 -4.16
C LEU A 38 -23.30 4.84 -2.89
N VAL A 39 -24.48 5.45 -3.01
CA VAL A 39 -25.38 5.64 -1.88
C VAL A 39 -25.98 4.31 -1.48
N THR A 40 -26.31 3.49 -2.48
CA THR A 40 -26.92 2.18 -2.22
C THR A 40 -25.95 1.23 -1.54
N PRO A 41 -24.79 0.98 -2.17
CA PRO A 41 -23.80 0.09 -1.56
C PRO A 41 -23.54 0.48 -0.07
N ARG A 42 -23.44 1.77 0.21
CA ARG A 42 -23.21 2.22 1.57
C ARG A 42 -24.35 1.79 2.50
N MET A 43 -25.55 2.31 2.19
CA MET A 43 -26.75 2.04 2.97
C MET A 43 -26.94 0.57 3.27
N ALA A 44 -26.79 -0.27 2.25
CA ALA A 44 -26.92 -1.70 2.43
C ALA A 44 -25.92 -2.25 3.51
N GLU A 45 -24.67 -1.80 3.44
CA GLU A 45 -23.66 -2.27 4.37
C GLU A 45 -23.90 -1.76 5.80
N VAL A 46 -24.30 -0.47 5.90
CA VAL A 46 -24.59 0.11 7.19
C VAL A 46 -25.72 -0.69 7.83
N ALA A 47 -26.81 -0.92 7.08
CA ALA A 47 -27.96 -1.65 7.61
C ALA A 47 -27.65 -3.11 7.88
N SER A 48 -26.56 -3.60 7.31
CA SER A 48 -26.26 -4.99 7.46
C SER A 48 -25.28 -5.30 8.60
N ARG A 49 -24.52 -4.30 8.97
CA ARG A 49 -23.50 -4.55 9.97
C ARG A 49 -24.02 -4.66 11.41
N ASP A 50 -23.49 -5.64 12.15
CA ASP A 50 -23.87 -5.81 13.54
C ASP A 50 -23.36 -4.60 14.35
N PRO A 51 -24.29 -3.78 14.86
CA PRO A 51 -23.89 -2.58 15.63
C PRO A 51 -23.05 -2.89 16.87
N LYS A 52 -23.11 -4.11 17.36
CA LYS A 52 -22.36 -4.47 18.56
C LYS A 52 -20.95 -4.90 18.21
N LEU A 53 -20.80 -5.68 17.15
CA LEU A 53 -19.48 -6.11 16.73
C LEU A 53 -18.78 -4.98 15.99
N TYR A 54 -19.54 -4.07 15.43
CA TYR A 54 -18.97 -2.96 14.69
C TYR A 54 -18.34 -1.98 15.64
N ALA A 55 -18.98 -1.81 16.77
CA ALA A 55 -18.51 -0.87 17.77
C ALA A 55 -17.22 -1.34 18.45
N MET A 56 -17.11 -2.65 18.60
CA MET A 56 -15.98 -3.27 19.27
C MET A 56 -14.96 -3.92 18.35
N HIS A 57 -15.12 -3.75 17.04
CA HIS A 57 -14.15 -4.27 16.08
C HIS A 57 -13.17 -5.39 16.46
N PRO A 58 -13.65 -6.56 16.89
CA PRO A 58 -12.77 -7.68 17.25
C PRO A 58 -11.76 -7.88 16.14
N TRP A 59 -10.49 -8.08 16.45
CA TRP A 59 -9.53 -8.28 15.38
C TRP A 59 -9.07 -9.74 15.55
N VAL A 60 -9.52 -10.58 14.64
CA VAL A 60 -9.26 -12.01 14.70
C VAL A 60 -8.78 -12.51 13.36
N THR A 61 -8.43 -13.79 13.34
CA THR A 61 -7.96 -14.50 12.15
C THR A 61 -8.29 -16.02 12.26
N SER A 62 -8.62 -16.65 11.13
CA SER A 62 -8.95 -18.09 11.04
C SER A 62 -7.73 -18.95 10.75
N LYS A 63 -6.61 -18.32 10.53
CA LYS A 63 -5.40 -19.06 10.23
C LYS A 63 -5.00 -19.81 11.48
N PRO A 64 -4.30 -20.94 11.30
CA PRO A 64 -3.84 -21.74 12.44
C PRO A 64 -2.67 -21.01 13.12
N LEU A 65 -2.49 -21.28 14.42
CA LEU A 65 -1.40 -20.68 15.18
C LEU A 65 -0.17 -21.27 14.59
N PRO A 66 0.78 -20.44 14.17
CA PRO A 66 2.01 -20.97 13.58
C PRO A 66 2.79 -21.77 14.61
N GLU A 67 3.60 -22.73 14.14
CA GLU A 67 4.44 -23.58 15.01
C GLU A 67 5.29 -22.79 16.01
N TYR A 68 5.86 -21.67 15.58
CA TYR A 68 6.71 -20.85 16.45
C TYR A 68 5.97 -20.17 17.60
N LEU A 69 4.65 -20.30 17.65
CA LEU A 69 3.93 -19.68 18.76
C LEU A 69 3.50 -20.75 19.80
N TRP A 70 3.30 -21.99 19.34
CA TRP A 70 2.93 -23.07 20.25
C TRP A 70 4.11 -23.35 21.16
N LYS A 71 5.31 -23.07 20.65
CA LYS A 71 6.54 -23.24 21.41
C LYS A 71 6.42 -22.48 22.74
N LYS A 72 5.71 -21.35 22.73
CA LYS A 72 5.56 -20.55 23.94
C LYS A 72 4.57 -21.24 24.86
N ILE A 73 3.39 -21.55 24.33
CA ILE A 73 2.36 -22.23 25.11
C ILE A 73 2.74 -23.71 25.17
N ALA A 74 3.75 -24.03 25.97
CA ALA A 74 4.21 -25.40 26.09
C ALA A 74 3.49 -26.12 27.25
N ASN A 75 2.31 -25.61 27.61
CA ASN A 75 1.54 -26.19 28.70
C ASN A 75 0.02 -26.20 28.45
N ASN A 76 -0.36 -25.91 27.20
CA ASN A 76 -1.77 -25.86 26.80
C ASN A 76 -2.55 -24.88 27.67
N CYS A 77 -1.80 -23.97 28.27
CA CYS A 77 -2.36 -22.98 29.16
C CYS A 77 -1.89 -21.57 28.78
N ILE A 78 -2.81 -20.62 28.83
CA ILE A 78 -2.52 -19.24 28.51
C ILE A 78 -2.81 -18.41 29.74
N PHE A 79 -1.93 -17.45 30.02
CA PHE A 79 -2.09 -16.57 31.18
C PHE A 79 -2.58 -15.17 30.79
N ILE A 80 -3.70 -14.79 31.37
CA ILE A 80 -4.31 -13.51 31.12
C ILE A 80 -4.53 -12.76 32.44
N VAL A 81 -3.86 -11.62 32.56
CA VAL A 81 -3.98 -10.78 33.74
C VAL A 81 -5.21 -9.89 33.61
N ILE A 82 -6.24 -10.16 34.42
CA ILE A 82 -7.46 -9.37 34.35
C ILE A 82 -7.52 -8.30 35.41
N HIS A 83 -7.28 -7.05 35.01
CA HIS A 83 -7.31 -5.92 35.92
C HIS A 83 -8.74 -5.53 36.21
N ARG A 84 -8.90 -4.60 37.15
CA ARG A 84 -10.23 -4.17 37.52
C ARG A 84 -10.20 -2.68 37.82
N SER A 85 -9.65 -2.35 38.99
CA SER A 85 -9.54 -0.96 39.36
C SER A 85 -8.12 -0.69 39.86
N THR A 86 -7.61 -1.59 40.70
CA THR A 86 -6.26 -1.49 41.25
C THR A 86 -5.78 -2.92 41.50
N THR A 87 -6.75 -3.81 41.73
CA THR A 87 -6.46 -5.22 41.97
C THR A 87 -6.53 -6.03 40.69
N SER A 88 -5.41 -6.69 40.35
CA SER A 88 -5.33 -7.53 39.16
C SER A 88 -5.41 -8.98 39.58
N GLN A 89 -5.93 -9.83 38.70
CA GLN A 89 -6.08 -11.24 38.99
C GLN A 89 -5.68 -12.05 37.77
N THR A 90 -4.72 -12.96 37.94
CA THR A 90 -4.28 -13.77 36.83
C THR A 90 -5.09 -15.04 36.63
N ILE A 91 -5.60 -15.27 35.43
CA ILE A 91 -6.36 -16.49 35.17
C ILE A 91 -5.73 -17.34 34.06
N LYS A 92 -5.66 -18.65 34.29
CA LYS A 92 -5.07 -19.54 33.28
C LYS A 92 -6.24 -19.91 32.36
N VAL A 93 -5.96 -20.01 31.07
CA VAL A 93 -7.00 -20.34 30.10
C VAL A 93 -6.45 -21.17 28.96
N SER A 94 -7.25 -22.08 28.43
CA SER A 94 -6.78 -22.90 27.31
C SER A 94 -7.01 -22.20 25.95
N PRO A 95 -6.12 -22.45 24.98
CA PRO A 95 -6.14 -21.91 23.61
C PRO A 95 -7.48 -21.89 22.89
N ASP A 96 -8.41 -22.75 23.25
CA ASP A 96 -9.65 -22.75 22.51
C ASP A 96 -10.84 -22.11 23.19
N ASP A 97 -10.62 -21.49 24.35
CA ASP A 97 -11.75 -20.87 25.05
C ASP A 97 -12.28 -19.58 24.44
N THR A 98 -13.42 -19.12 24.91
CA THR A 98 -14.02 -17.91 24.41
C THR A 98 -13.93 -16.89 25.47
N PRO A 99 -13.72 -15.62 25.06
CA PRO A 99 -13.62 -14.54 26.03
C PRO A 99 -14.80 -14.52 27.00
N GLY A 100 -15.96 -14.98 26.51
CA GLY A 100 -17.16 -15.04 27.34
C GLY A 100 -16.97 -16.14 28.37
N ALA A 101 -16.53 -17.30 27.90
CA ALA A 101 -16.26 -18.44 28.78
C ALA A 101 -15.22 -18.00 29.80
N ILE A 102 -14.17 -17.38 29.29
CA ILE A 102 -13.11 -16.88 30.15
C ILE A 102 -13.73 -15.89 31.13
N LEU A 103 -14.65 -15.07 30.64
CA LEU A 103 -15.33 -14.09 31.48
C LEU A 103 -16.00 -14.83 32.65
N GLN A 104 -16.84 -15.80 32.29
CA GLN A 104 -17.55 -16.61 33.27
C GLN A 104 -16.57 -17.33 34.18
N SER A 105 -15.58 -17.97 33.58
CA SER A 105 -14.58 -18.69 34.35
C SER A 105 -13.79 -17.71 35.21
N PHE A 106 -14.18 -16.44 35.18
CA PHE A 106 -13.50 -15.43 35.96
C PHE A 106 -14.25 -15.17 37.27
N PHE A 107 -15.58 -15.11 37.18
CA PHE A 107 -16.41 -14.88 38.36
C PHE A 107 -16.49 -16.15 39.22
N THR A 108 -15.95 -17.24 38.69
CA THR A 108 -15.94 -18.52 39.40
C THR A 108 -14.83 -18.53 40.44
N LYS A 109 -13.88 -17.60 40.31
CA LYS A 109 -12.78 -17.54 41.25
C LYS A 109 -13.12 -16.61 42.41
N MET A 110 -14.01 -15.67 42.16
CA MET A 110 -14.42 -14.74 43.20
C MET A 110 -15.82 -14.22 42.97
N ALA A 111 -16.82 -15.06 43.25
CA ALA A 111 -18.20 -14.66 43.10
C ALA A 111 -18.49 -13.73 44.28
N LYS A 112 -17.55 -13.73 45.24
CA LYS A 112 -17.65 -12.92 46.45
C LYS A 112 -16.31 -12.28 46.79
N ASP A 127 -22.96 -7.64 29.93
CA ASP A 127 -22.67 -6.55 30.86
C ASP A 127 -21.21 -6.06 30.76
N PHE A 128 -20.27 -7.00 30.86
CA PHE A 128 -18.86 -6.67 30.82
C PHE A 128 -18.13 -7.24 29.60
N VAL A 129 -16.93 -6.75 29.36
CA VAL A 129 -16.15 -7.23 28.24
C VAL A 129 -14.66 -7.06 28.53
N LEU A 130 -13.85 -7.86 27.86
CA LEU A 130 -12.39 -7.76 28.04
C LEU A 130 -11.75 -6.81 27.01
N ARG A 131 -11.05 -5.80 27.54
CA ARG A 131 -10.39 -4.80 26.72
C ARG A 131 -8.88 -4.73 27.02
N VAL A 132 -8.05 -4.82 25.99
CA VAL A 132 -6.60 -4.77 26.20
C VAL A 132 -6.20 -3.49 26.92
N CYS A 133 -5.56 -3.61 28.07
CA CYS A 133 -5.14 -2.43 28.84
C CYS A 133 -4.48 -1.34 28.05
N GLY A 134 -5.03 -0.14 28.17
CA GLY A 134 -4.49 1.01 27.48
C GLY A 134 -4.58 0.95 25.98
N ARG A 135 -5.55 0.21 25.46
CA ARG A 135 -5.71 0.08 24.04
C ARG A 135 -7.16 -0.12 23.65
N ASP A 136 -7.57 0.55 22.59
CA ASP A 136 -8.94 0.42 22.09
C ASP A 136 -9.04 -0.90 21.30
N GLU A 137 -8.74 -2.01 21.96
CA GLU A 137 -8.80 -3.32 21.34
C GLU A 137 -9.62 -4.24 22.24
N TYR A 138 -10.66 -4.88 21.72
CA TYR A 138 -11.50 -5.76 22.54
C TYR A 138 -11.35 -7.21 22.20
N LEU A 139 -11.52 -8.09 23.19
CA LEU A 139 -11.42 -9.53 22.97
C LEU A 139 -12.82 -10.13 23.13
N VAL A 140 -13.67 -10.06 22.10
CA VAL A 140 -15.04 -10.58 22.20
C VAL A 140 -15.46 -11.41 20.99
N GLY A 141 -16.70 -11.91 21.00
CA GLY A 141 -17.19 -12.71 19.89
C GLY A 141 -16.86 -14.18 20.10
N GLU A 142 -17.53 -15.04 19.33
CA GLU A 142 -17.35 -16.50 19.41
C GLU A 142 -16.07 -16.90 18.68
N THR A 143 -14.94 -16.71 19.35
CA THR A 143 -13.64 -16.99 18.74
C THR A 143 -12.70 -17.44 19.82
N PRO A 144 -11.87 -18.42 19.52
CA PRO A 144 -10.88 -18.94 20.48
C PRO A 144 -9.88 -17.79 20.77
N ILE A 145 -9.43 -17.61 22.02
CA ILE A 145 -8.50 -16.54 22.35
C ILE A 145 -7.17 -16.70 21.64
N LYS A 146 -6.90 -17.90 21.17
CA LYS A 146 -5.66 -18.09 20.45
C LYS A 146 -5.76 -17.34 19.11
N ASN A 147 -6.97 -17.11 18.63
CA ASN A 147 -7.17 -16.46 17.34
C ASN A 147 -7.33 -14.98 17.36
N PHE A 148 -6.96 -14.34 18.45
CA PHE A 148 -7.02 -12.90 18.52
C PHE A 148 -5.63 -12.34 18.25
N GLN A 149 -5.55 -11.40 17.33
CA GLN A 149 -4.29 -10.77 16.95
C GLN A 149 -3.47 -10.31 18.12
N TRP A 150 -4.10 -9.65 19.07
CA TRP A 150 -3.32 -9.15 20.18
C TRP A 150 -2.65 -10.29 20.96
N VAL A 151 -3.37 -11.39 21.16
CA VAL A 151 -2.86 -12.53 21.88
C VAL A 151 -1.61 -13.10 21.18
N ARG A 152 -1.70 -13.21 19.85
CA ARG A 152 -0.59 -13.69 19.03
C ARG A 152 0.54 -12.69 19.10
N HIS A 153 0.21 -11.39 19.11
CA HIS A 153 1.21 -10.33 19.21
C HIS A 153 1.99 -10.51 20.54
N CYS A 154 1.26 -10.75 21.63
CA CYS A 154 1.89 -10.93 22.94
C CYS A 154 2.72 -12.21 22.97
N LEU A 155 2.12 -13.30 22.48
CA LEU A 155 2.81 -14.59 22.40
C LEU A 155 4.09 -14.49 21.61
N LYS A 156 4.08 -13.69 20.54
CA LYS A 156 5.24 -13.52 19.65
C LYS A 156 6.34 -12.67 20.27
N ASN A 157 5.94 -11.77 21.15
CA ASN A 157 6.89 -10.87 21.77
C ASN A 157 7.04 -11.17 23.25
N GLY A 158 6.72 -12.40 23.62
CA GLY A 158 6.87 -12.82 25.00
C GLY A 158 6.35 -11.84 26.02
N GLU A 159 5.27 -11.15 25.69
CA GLU A 159 4.70 -10.22 26.63
C GLU A 159 3.46 -10.83 27.26
N GLU A 160 3.15 -10.40 28.48
CA GLU A 160 1.98 -10.92 29.17
C GLU A 160 0.72 -10.30 28.56
N ILE A 161 -0.40 -10.99 28.70
CA ILE A 161 -1.66 -10.52 28.17
C ILE A 161 -2.50 -9.82 29.24
N HIS A 162 -2.38 -8.49 29.31
CA HIS A 162 -3.13 -7.72 30.31
C HIS A 162 -4.42 -7.13 29.75
N VAL A 163 -5.52 -7.45 30.38
CA VAL A 163 -6.79 -6.97 29.91
C VAL A 163 -7.63 -6.47 31.08
N VAL A 164 -8.37 -5.39 30.83
CA VAL A 164 -9.26 -4.77 31.80
C VAL A 164 -10.72 -5.18 31.58
N LEU A 165 -11.44 -5.33 32.67
CA LEU A 165 -12.84 -5.70 32.62
C LEU A 165 -13.68 -4.43 32.67
N ASP A 166 -14.23 -4.03 31.53
CA ASP A 166 -15.07 -2.83 31.49
C ASP A 166 -16.35 -2.99 30.67
N THR A 167 -17.06 -1.87 30.51
CA THR A 167 -18.33 -1.87 29.81
C THR A 167 -18.15 -1.76 28.30
N PRO A 168 -19.03 -2.42 27.51
CA PRO A 168 -18.96 -2.39 26.04
C PRO A 168 -19.34 -0.99 25.54
N PRO A 169 -18.67 -0.50 24.47
CA PRO A 169 -18.98 0.83 23.95
C PRO A 169 -20.43 0.87 23.52
N ASP A 170 -21.05 2.03 23.69
CA ASP A 170 -22.43 2.19 23.32
C ASP A 170 -22.60 2.41 21.83
N PRO A 171 -22.97 1.35 21.10
CA PRO A 171 -23.17 1.42 19.64
C PRO A 171 -24.01 2.58 19.17
N ALA A 172 -24.71 3.24 20.07
CA ALA A 172 -25.53 4.37 19.63
C ALA A 172 -24.60 5.49 19.07
N LEU A 173 -23.35 5.48 19.54
CA LEU A 173 -22.34 6.45 19.13
C LEU A 173 -21.91 6.23 17.66
N ASP A 174 -22.29 5.08 17.09
CA ASP A 174 -21.96 4.82 15.70
C ASP A 174 -23.12 5.21 14.81
N GLU A 175 -24.08 5.94 15.36
CA GLU A 175 -25.25 6.31 14.58
C GLU A 175 -24.86 6.99 13.26
N VAL A 176 -25.50 6.60 12.17
CA VAL A 176 -25.22 7.23 10.90
C VAL A 176 -26.27 8.29 10.64
N ARG A 177 -25.84 9.45 10.15
CA ARG A 177 -26.74 10.57 9.86
C ARG A 177 -27.67 10.19 8.70
N LYS A 178 -28.98 10.43 8.87
CA LYS A 178 -29.99 10.13 7.84
C LYS A 178 -29.71 10.94 6.57
N GLU A 179 -29.67 10.26 5.43
CA GLU A 179 -29.40 10.95 4.17
C GLU A 179 -30.68 11.46 3.49
N GLU A 180 -30.52 12.45 2.61
CA GLU A 180 -31.67 12.99 1.90
C GLU A 180 -31.31 14.03 0.85
N CYS A 215 -24.25 1.82 -34.81
CA CYS A 215 -23.73 2.26 -36.10
C CYS A 215 -22.63 1.32 -36.61
N ASP A 216 -22.43 1.25 -37.92
CA ASP A 216 -21.41 0.35 -38.44
C ASP A 216 -20.43 1.11 -39.30
N ARG A 217 -20.26 2.39 -38.96
CA ARG A 217 -19.34 3.28 -39.64
C ARG A 217 -18.03 3.39 -38.88
N LYS A 218 -16.97 3.73 -39.58
CA LYS A 218 -15.69 3.87 -38.96
C LYS A 218 -15.74 5.06 -38.02
N PHE A 219 -15.12 4.90 -36.85
CA PHE A 219 -15.06 5.95 -35.87
C PHE A 219 -14.03 6.99 -36.29
N ARG A 220 -14.32 8.24 -35.96
CA ARG A 220 -13.38 9.30 -36.26
C ARG A 220 -13.40 10.46 -35.24
N VAL A 221 -12.29 11.20 -35.18
CA VAL A 221 -12.18 12.33 -34.27
C VAL A 221 -11.52 13.53 -34.95
N LYS A 222 -12.09 14.69 -34.72
CA LYS A 222 -11.53 15.87 -35.34
C LYS A 222 -10.60 16.55 -34.39
N ILE A 223 -9.37 16.67 -34.84
CA ILE A 223 -8.35 17.31 -34.07
C ILE A 223 -8.39 18.77 -34.54
N ARG A 224 -8.98 19.65 -33.73
CA ARG A 224 -9.07 21.06 -34.10
C ARG A 224 -7.74 21.72 -33.93
N GLY A 225 -7.07 21.45 -32.83
CA GLY A 225 -5.77 22.05 -32.64
C GLY A 225 -5.44 22.02 -31.19
N ILE A 226 -4.31 22.63 -30.85
CA ILE A 226 -3.81 22.69 -29.49
C ILE A 226 -3.42 24.13 -29.10
N ASP A 227 -3.30 24.43 -27.83
CA ASP A 227 -2.87 25.78 -27.46
C ASP A 227 -2.34 25.83 -26.04
N ILE A 228 -1.24 26.54 -25.86
CA ILE A 228 -0.62 26.66 -24.55
C ILE A 228 -0.18 28.12 -24.34
N PRO A 229 -0.43 28.69 -23.14
CA PRO A 229 -0.06 30.07 -22.81
C PRO A 229 1.40 30.49 -23.16
N VAL A 230 2.37 29.94 -22.45
CA VAL A 230 3.76 30.25 -22.69
C VAL A 230 4.31 29.30 -23.74
N LEU A 231 5.36 29.73 -24.44
CA LEU A 231 5.97 28.90 -25.46
C LEU A 231 7.50 29.07 -25.55
N PRO A 232 8.02 30.33 -25.48
CA PRO A 232 9.46 30.61 -25.56
C PRO A 232 10.39 29.58 -24.90
N ARG A 233 10.86 28.66 -25.73
CA ARG A 233 11.77 27.60 -25.29
C ARG A 233 12.97 27.64 -26.22
N ASN A 234 13.95 26.78 -25.96
CA ASN A 234 15.15 26.75 -26.79
C ASN A 234 14.84 26.51 -28.28
N THR A 235 15.06 25.28 -28.74
CA THR A 235 14.83 24.89 -30.13
C THR A 235 13.41 25.29 -30.60
N ASP A 236 13.21 25.25 -31.92
CA ASP A 236 11.90 25.56 -32.50
C ASP A 236 11.36 24.36 -33.28
N LEU A 237 11.54 23.16 -32.71
CA LEU A 237 11.11 21.89 -33.34
C LEU A 237 9.64 21.90 -33.78
N THR A 238 9.29 20.89 -34.56
CA THR A 238 7.93 20.74 -35.08
C THR A 238 7.08 20.02 -34.06
N VAL A 239 5.81 19.79 -34.38
CA VAL A 239 4.93 19.10 -33.45
C VAL A 239 3.75 18.44 -34.14
N PHE A 240 3.30 17.33 -33.58
CA PHE A 240 2.16 16.62 -34.15
C PHE A 240 1.35 15.94 -33.04
N VAL A 241 0.13 15.60 -33.35
CA VAL A 241 -0.72 14.96 -32.37
C VAL A 241 -1.03 13.52 -32.77
N GLU A 242 -0.72 12.59 -31.85
CA GLU A 242 -0.98 11.18 -32.02
C GLU A 242 -2.27 10.81 -31.31
N ALA A 243 -3.11 10.02 -31.95
CA ALA A 243 -4.37 9.59 -31.35
C ALA A 243 -4.44 8.07 -31.39
N ASN A 244 -4.58 7.45 -30.22
CA ASN A 244 -4.65 5.99 -30.07
C ASN A 244 -5.91 5.61 -29.34
N ILE A 245 -6.53 4.50 -29.75
CA ILE A 245 -7.70 4.01 -29.10
C ILE A 245 -7.11 2.92 -28.21
N GLN A 246 -7.05 3.14 -26.90
CA GLN A 246 -6.48 2.14 -26.00
C GLN A 246 -7.50 1.30 -25.26
N HIS A 247 -7.02 0.21 -24.71
CA HIS A 247 -7.84 -0.68 -23.95
C HIS A 247 -6.87 -1.66 -23.33
N GLY A 248 -6.74 -1.58 -22.01
CA GLY A 248 -5.84 -2.47 -21.31
C GLY A 248 -4.41 -2.31 -21.76
N GLN A 249 -3.94 -1.06 -21.81
CA GLN A 249 -2.54 -0.83 -22.20
C GLN A 249 -2.30 -1.34 -23.63
N GLN A 250 -3.36 -1.86 -24.24
CA GLN A 250 -3.27 -2.39 -25.60
C GLN A 250 -3.74 -1.34 -26.65
N VAL A 251 -2.84 -0.93 -27.52
CA VAL A 251 -3.19 0.04 -28.54
C VAL A 251 -3.92 -0.63 -29.69
N LEU A 252 -5.23 -0.43 -29.75
CA LEU A 252 -6.04 -1.03 -30.82
C LEU A 252 -5.80 -0.38 -32.18
N CYS A 253 -5.92 0.95 -32.25
CA CYS A 253 -5.76 1.65 -33.52
C CYS A 253 -4.99 2.93 -33.28
N GLN A 254 -4.28 3.40 -34.29
CA GLN A 254 -3.51 4.61 -34.15
C GLN A 254 -3.45 5.53 -35.38
N ARG A 255 -3.72 6.82 -35.17
CA ARG A 255 -3.69 7.80 -36.23
C ARG A 255 -2.83 9.01 -35.79
N ARG A 256 -2.33 9.77 -36.76
CA ARG A 256 -1.48 10.93 -36.45
C ARG A 256 -1.75 12.12 -37.36
N THR A 257 -1.50 13.32 -36.86
CA THR A 257 -1.71 14.50 -37.68
C THR A 257 -0.37 14.77 -38.34
N SER A 258 -0.34 15.74 -39.25
CA SER A 258 0.92 16.09 -39.89
C SER A 258 1.66 17.01 -38.94
N PRO A 259 3.00 17.10 -39.04
CA PRO A 259 3.76 17.99 -38.15
C PRO A 259 3.47 19.46 -38.49
N LYS A 260 3.73 20.36 -37.54
CA LYS A 260 3.54 21.81 -37.77
C LYS A 260 4.40 22.60 -36.81
N PRO A 261 4.72 23.84 -37.19
CA PRO A 261 5.55 24.74 -36.36
C PRO A 261 4.94 24.86 -34.98
N PHE A 262 5.72 24.58 -33.93
CA PHE A 262 5.18 24.62 -32.56
C PHE A 262 4.94 26.04 -32.05
N THR A 263 3.80 26.62 -32.38
CA THR A 263 3.50 27.97 -31.95
C THR A 263 2.59 27.94 -30.74
N GLU A 264 2.21 29.13 -30.26
CA GLU A 264 1.34 29.26 -29.09
C GLU A 264 0.03 28.55 -29.42
N GLU A 265 -0.33 28.54 -30.69
CA GLU A 265 -1.58 27.91 -31.08
C GLU A 265 -1.34 27.21 -32.40
N VAL A 266 -1.63 25.91 -32.42
CA VAL A 266 -1.46 25.09 -33.62
C VAL A 266 -2.81 24.49 -34.01
N LEU A 267 -3.23 24.79 -35.26
CA LEU A 267 -4.51 24.29 -35.76
C LEU A 267 -4.35 23.29 -36.90
N TRP A 268 -5.29 22.35 -36.97
CA TRP A 268 -5.26 21.32 -37.99
C TRP A 268 -6.64 21.19 -38.63
N ASN A 269 -7.67 21.29 -37.80
CA ASN A 269 -9.05 21.14 -38.24
C ASN A 269 -9.16 19.96 -39.22
N VAL A 270 -8.60 18.82 -38.80
CA VAL A 270 -8.56 17.58 -39.61
C VAL A 270 -9.34 16.39 -39.03
N TRP A 271 -9.95 15.58 -39.89
CA TRP A 271 -10.63 14.40 -39.37
C TRP A 271 -9.67 13.23 -39.36
N LEU A 272 -9.52 12.55 -38.22
CA LEU A 272 -8.67 11.36 -38.14
C LEU A 272 -9.64 10.21 -38.09
N GLU A 273 -9.78 9.51 -39.21
CA GLU A 273 -10.67 8.37 -39.29
C GLU A 273 -9.88 7.08 -39.02
N PHE A 274 -10.40 6.20 -38.15
CA PHE A 274 -9.67 4.97 -37.83
C PHE A 274 -10.28 3.80 -38.59
N SER A 275 -9.58 2.68 -38.66
CA SER A 275 -10.11 1.51 -39.33
C SER A 275 -10.79 0.64 -38.27
N ILE A 276 -11.71 1.20 -37.48
CA ILE A 276 -12.39 0.44 -36.44
C ILE A 276 -13.80 0.96 -36.37
N LYS A 277 -14.76 0.07 -36.44
CA LYS A 277 -16.15 0.49 -36.40
C LYS A 277 -16.68 0.92 -35.03
N ILE A 278 -17.62 1.84 -35.07
CA ILE A 278 -18.24 2.35 -33.86
C ILE A 278 -18.82 1.22 -33.08
N LYS A 279 -19.32 0.23 -33.80
CA LYS A 279 -19.97 -0.90 -33.16
C LYS A 279 -18.96 -1.76 -32.42
N ASP A 280 -17.72 -1.70 -32.89
CA ASP A 280 -16.63 -2.49 -32.34
C ASP A 280 -15.83 -1.92 -31.18
N LEU A 281 -16.16 -0.68 -30.78
CA LEU A 281 -15.50 -0.04 -29.66
C LEU A 281 -15.94 -0.76 -28.39
N PRO A 282 -14.97 -1.27 -27.63
CA PRO A 282 -15.30 -1.97 -26.38
C PRO A 282 -15.50 -0.98 -25.23
N LYS A 283 -16.43 -1.26 -24.34
CA LYS A 283 -16.65 -0.37 -23.18
C LYS A 283 -15.34 -0.33 -22.39
N GLY A 284 -14.91 0.86 -21.92
CA GLY A 284 -13.64 0.93 -21.21
C GLY A 284 -12.57 1.43 -22.15
N ALA A 285 -12.86 1.43 -23.43
CA ALA A 285 -11.89 1.90 -24.40
C ALA A 285 -11.53 3.38 -24.15
N LEU A 286 -10.24 3.70 -24.27
CA LEU A 286 -9.76 5.09 -24.09
C LEU A 286 -9.34 5.78 -25.35
N LEU A 287 -9.66 7.05 -25.47
CA LEU A 287 -9.21 7.82 -26.61
C LEU A 287 -7.97 8.52 -26.01
N ASN A 288 -6.78 8.06 -26.38
CA ASN A 288 -5.52 8.60 -25.82
C ASN A 288 -4.88 9.57 -26.82
N LEU A 289 -4.70 10.81 -26.35
CA LEU A 289 -4.16 11.89 -27.14
C LEU A 289 -2.77 12.33 -26.67
N GLN A 290 -1.84 12.36 -27.61
CA GLN A 290 -0.49 12.71 -27.25
C GLN A 290 0.16 13.76 -28.13
N ILE A 291 1.08 14.49 -27.53
CA ILE A 291 1.78 15.52 -28.26
C ILE A 291 3.27 15.22 -28.28
N TYR A 292 3.81 15.16 -29.49
CA TYR A 292 5.22 14.87 -29.69
C TYR A 292 5.89 16.05 -30.37
N CYS A 293 7.13 16.32 -29.97
CA CYS A 293 7.90 17.39 -30.58
C CYS A 293 9.27 17.46 -29.96
N LEU A 318 7.69 12.86 -26.68
CA LEU A 318 6.40 12.96 -25.96
C LEU A 318 6.43 14.08 -24.91
N LEU A 319 5.46 15.00 -25.00
CA LEU A 319 5.39 16.14 -24.08
C LEU A 319 4.12 16.21 -23.24
N TYR A 320 3.00 16.01 -23.91
CA TYR A 320 1.70 16.09 -23.27
C TYR A 320 0.77 14.92 -23.65
N TYR A 321 -0.09 14.54 -22.70
CA TYR A 321 -1.05 13.48 -22.95
C TYR A 321 -2.33 13.79 -22.19
N VAL A 322 -3.42 13.19 -22.66
CA VAL A 322 -4.70 13.34 -22.02
C VAL A 322 -5.54 12.20 -22.58
N ASN A 323 -6.49 11.74 -21.78
CA ASN A 323 -7.35 10.64 -22.18
C ASN A 323 -8.80 10.95 -22.05
N LEU A 324 -9.61 10.29 -22.87
CA LEU A 324 -11.05 10.45 -22.84
C LEU A 324 -11.72 9.11 -23.10
N LEU A 325 -12.64 8.73 -22.21
CA LEU A 325 -13.38 7.49 -22.39
C LEU A 325 -14.31 7.63 -23.61
N LEU A 326 -14.11 6.81 -24.64
CA LEU A 326 -14.94 6.87 -25.84
C LEU A 326 -16.37 6.46 -25.53
N ILE A 327 -16.53 5.72 -24.44
CA ILE A 327 -17.83 5.33 -23.98
C ILE A 327 -18.01 5.76 -22.53
N ASP A 328 -19.09 6.49 -22.26
CA ASP A 328 -19.33 6.99 -20.93
C ASP A 328 -19.89 6.00 -19.91
N HIS A 329 -20.15 6.52 -18.70
CA HIS A 329 -20.65 5.73 -17.59
C HIS A 329 -22.08 5.21 -17.79
N ARG A 330 -22.82 5.84 -18.73
CA ARG A 330 -24.18 5.46 -19.10
C ARG A 330 -24.17 4.63 -20.42
N PHE A 331 -23.10 3.89 -20.66
CA PHE A 331 -22.99 3.10 -21.88
C PHE A 331 -23.25 3.92 -23.13
N LEU A 332 -22.97 5.22 -23.10
CA LEU A 332 -23.15 6.06 -24.28
C LEU A 332 -21.83 6.53 -24.93
N LEU A 333 -21.85 6.62 -26.26
CA LEU A 333 -20.70 7.08 -27.04
C LEU A 333 -20.48 8.58 -26.76
N ARG A 334 -19.23 8.99 -26.63
CA ARG A 334 -18.95 10.38 -26.37
C ARG A 334 -19.21 11.14 -27.66
N ARG A 335 -19.56 12.42 -27.54
CA ARG A 335 -19.87 13.28 -28.68
C ARG A 335 -19.86 14.77 -28.31
N GLY A 336 -19.62 15.61 -29.29
CA GLY A 336 -19.61 17.02 -29.02
C GLY A 336 -18.21 17.58 -29.02
N GLU A 337 -18.12 18.86 -28.78
CA GLU A 337 -16.83 19.53 -28.77
C GLU A 337 -16.12 19.35 -27.43
N TYR A 338 -14.82 19.10 -27.45
CA TYR A 338 -14.10 19.00 -26.18
C TYR A 338 -12.81 19.79 -26.20
N VAL A 339 -12.51 20.39 -25.06
CA VAL A 339 -11.30 21.14 -24.90
C VAL A 339 -10.71 20.52 -23.62
N LEU A 340 -9.69 19.66 -23.78
CA LEU A 340 -9.05 18.94 -22.67
C LEU A 340 -7.66 19.50 -22.29
N HIS A 341 -7.50 19.79 -20.99
CA HIS A 341 -6.23 20.30 -20.47
C HIS A 341 -5.37 19.06 -20.10
N MET A 342 -4.23 19.00 -20.74
CA MET A 342 -3.35 17.89 -20.67
C MET A 342 -2.33 17.92 -19.53
N TRP A 343 -1.77 16.75 -19.30
CA TRP A 343 -0.75 16.54 -18.28
C TRP A 343 0.61 16.59 -19.01
N GLN A 344 1.62 17.08 -18.33
CA GLN A 344 2.94 17.16 -18.93
C GLN A 344 3.79 15.93 -18.54
N ILE A 345 5.05 15.96 -18.89
CA ILE A 345 5.94 14.86 -18.60
C ILE A 345 7.29 15.40 -18.16
N SER A 346 7.94 14.73 -17.21
CA SER A 346 9.27 15.17 -16.73
C SER A 346 10.34 14.06 -16.90
N GLY A 347 11.60 14.45 -16.66
CA GLY A 347 12.72 13.53 -16.78
C GLY A 347 13.47 13.31 -15.47
N PHE A 355 3.21 3.05 -18.78
CA PHE A 355 4.54 3.18 -18.16
C PHE A 355 4.41 3.50 -16.68
N ASN A 356 3.28 4.12 -16.31
CA ASN A 356 2.95 4.53 -14.94
C ASN A 356 1.43 4.82 -14.80
N ALA A 357 0.86 4.53 -13.63
CA ALA A 357 -0.58 4.74 -13.40
C ALA A 357 -1.16 6.11 -13.82
N ASP A 358 -0.46 7.23 -13.59
CA ASP A 358 -1.01 8.52 -14.00
C ASP A 358 -1.32 8.62 -15.51
N LYS A 359 -0.50 7.93 -16.28
CA LYS A 359 -0.65 7.91 -17.71
C LYS A 359 -2.01 7.44 -18.18
N LEU A 360 -2.70 6.69 -17.33
CA LEU A 360 -4.01 6.12 -17.67
C LEU A 360 -5.24 6.89 -17.16
N THR A 361 -5.04 7.95 -16.42
CA THR A 361 -6.17 8.69 -15.86
C THR A 361 -7.12 9.32 -16.88
N SER A 362 -8.44 9.29 -16.60
CA SER A 362 -9.42 9.93 -17.50
C SER A 362 -9.56 11.39 -17.06
N ALA A 363 -9.02 11.76 -15.89
CA ALA A 363 -9.12 13.13 -15.40
C ALA A 363 -8.25 14.07 -16.22
N THR A 364 -8.70 15.32 -16.34
CA THR A 364 -7.93 16.31 -17.09
C THR A 364 -7.17 17.22 -16.12
N ASN A 365 -6.19 17.93 -16.63
CA ASN A 365 -5.40 18.82 -15.78
C ASN A 365 -6.24 19.98 -15.22
N PRO A 366 -6.20 20.15 -13.90
CA PRO A 366 -6.95 21.24 -13.26
C PRO A 366 -6.33 22.63 -13.55
N ASP A 367 -5.03 22.66 -13.80
CA ASP A 367 -4.38 23.93 -14.07
C ASP A 367 -4.66 24.44 -15.49
N LYS A 368 -5.70 25.24 -15.66
CA LYS A 368 -6.06 25.77 -16.98
C LYS A 368 -5.17 26.94 -17.45
N GLU A 369 -4.67 27.71 -16.48
CA GLU A 369 -3.86 28.87 -16.83
C GLU A 369 -2.50 28.62 -17.50
N ASN A 370 -1.78 27.56 -17.12
CA ASN A 370 -0.46 27.32 -17.70
C ASN A 370 -0.37 25.97 -18.41
N SER A 371 -1.47 25.24 -18.43
CA SER A 371 -1.47 23.93 -19.09
C SER A 371 -1.85 23.94 -20.55
N MET A 372 -1.30 22.98 -21.26
CA MET A 372 -1.54 22.77 -22.68
C MET A 372 -2.98 22.22 -22.83
N SER A 373 -3.64 22.54 -23.93
CA SER A 373 -4.97 21.98 -24.10
C SER A 373 -5.17 21.57 -25.55
N ILE A 374 -6.06 20.62 -25.75
CA ILE A 374 -6.34 20.12 -27.08
C ILE A 374 -7.84 20.14 -27.37
N SER A 375 -8.20 20.64 -28.56
CA SER A 375 -9.61 20.70 -28.96
C SER A 375 -9.94 19.65 -29.96
N ILE A 376 -11.03 18.97 -29.71
CA ILE A 376 -11.45 17.91 -30.59
C ILE A 376 -12.94 17.93 -30.77
N LEU A 377 -13.39 17.21 -31.78
CA LEU A 377 -14.82 17.14 -32.05
C LEU A 377 -15.24 15.70 -32.23
N LEU A 378 -16.18 15.21 -31.41
CA LEU A 378 -16.64 13.83 -31.57
C LEU A 378 -18.00 13.91 -32.24
N ASP A 379 -18.10 13.32 -33.43
CA ASP A 379 -19.36 13.38 -34.17
C ASP A 379 -19.58 12.08 -34.90
N ASN A 380 -20.29 11.16 -34.26
CA ASN A 380 -20.55 9.83 -34.83
C ASN A 380 -22.03 9.42 -34.62
N HIS A 383 -27.16 6.11 -29.18
CA HIS A 383 -26.16 5.06 -29.42
C HIS A 383 -26.05 4.06 -28.27
N PRO A 384 -26.67 2.87 -28.43
CA PRO A 384 -26.67 1.79 -27.43
C PRO A 384 -25.44 0.89 -27.50
N ILE A 385 -25.36 -0.02 -26.55
CA ILE A 385 -24.26 -0.98 -26.50
C ILE A 385 -24.81 -2.40 -26.41
N ALA A 386 -24.71 -3.13 -27.51
CA ALA A 386 -25.16 -4.51 -27.57
C ALA A 386 -24.11 -5.38 -28.27
N ARG A 402 -16.19 -28.06 -28.23
CA ARG A 402 -16.46 -29.43 -27.80
C ARG A 402 -15.23 -30.30 -27.96
N ALA A 403 -14.55 -30.14 -29.10
CA ALA A 403 -13.36 -30.93 -29.42
C ALA A 403 -12.32 -30.93 -28.29
N GLU A 404 -11.81 -32.12 -27.97
CA GLU A 404 -10.82 -32.24 -26.93
C GLU A 404 -9.43 -31.84 -27.49
N MET A 405 -8.75 -30.94 -26.80
CA MET A 405 -7.42 -30.48 -27.25
C MET A 405 -6.36 -31.58 -27.35
N PRO A 406 -5.63 -31.61 -28.48
CA PRO A 406 -4.55 -32.57 -28.80
C PRO A 406 -3.45 -32.58 -27.73
N ASN A 407 -2.82 -33.73 -27.56
CA ASN A 407 -1.77 -33.97 -26.58
C ASN A 407 -0.61 -32.95 -26.64
N GLN A 408 0.00 -32.82 -27.81
CA GLN A 408 1.12 -31.91 -27.96
C GLN A 408 0.75 -30.45 -27.69
N LEU A 409 -0.35 -30.00 -28.28
CA LEU A 409 -0.75 -28.61 -28.07
C LEU A 409 -1.06 -28.36 -26.60
N ARG A 410 -1.76 -29.29 -25.99
CA ARG A 410 -2.07 -29.19 -24.58
C ARG A 410 -0.76 -28.93 -23.80
N LYS A 411 0.31 -29.61 -24.18
CA LYS A 411 1.59 -29.41 -23.50
C LYS A 411 2.08 -28.01 -23.72
N GLN A 412 1.82 -27.46 -24.89
CA GLN A 412 2.24 -26.09 -25.18
C GLN A 412 1.47 -25.07 -24.33
N LEU A 413 0.16 -25.23 -24.30
CA LEU A 413 -0.69 -24.34 -23.53
C LEU A 413 -0.24 -24.35 -22.08
N GLU A 414 0.09 -25.55 -21.58
CA GLU A 414 0.52 -25.68 -20.22
C GLU A 414 1.83 -24.95 -19.89
N ALA A 415 2.76 -24.94 -20.85
CA ALA A 415 4.03 -24.24 -20.64
C ALA A 415 3.70 -22.76 -20.50
N ILE A 416 2.87 -22.24 -21.40
CA ILE A 416 2.46 -20.84 -21.34
C ILE A 416 1.90 -20.48 -19.97
N ILE A 417 0.88 -21.22 -19.57
CA ILE A 417 0.24 -21.02 -18.28
C ILE A 417 1.23 -20.99 -17.12
N ALA A 418 2.22 -21.86 -17.14
CA ALA A 418 3.23 -21.93 -16.06
C ALA A 418 4.15 -20.72 -16.06
N THR A 419 4.33 -20.14 -17.25
CA THR A 419 5.14 -18.96 -17.43
C THR A 419 4.79 -17.86 -16.42
N ASP A 420 5.80 -17.08 -16.08
CA ASP A 420 5.64 -15.97 -15.16
C ASP A 420 4.84 -14.84 -15.82
N PRO A 421 4.05 -14.10 -15.01
CA PRO A 421 3.20 -12.97 -15.43
C PRO A 421 3.93 -11.94 -16.28
N LEU A 422 5.20 -11.65 -15.97
CA LEU A 422 5.94 -10.67 -16.77
C LEU A 422 6.52 -11.21 -18.06
N ASN A 423 6.06 -12.38 -18.50
CA ASN A 423 6.55 -12.94 -19.76
C ASN A 423 5.53 -12.69 -20.86
N PRO A 424 5.93 -12.01 -21.95
CA PRO A 424 5.09 -11.67 -23.12
C PRO A 424 4.54 -12.86 -23.88
N LEU A 425 3.30 -12.70 -24.34
CA LEU A 425 2.62 -13.72 -25.09
C LEU A 425 2.76 -13.49 -26.59
N THR A 426 3.23 -14.50 -27.31
CA THR A 426 3.39 -14.41 -28.77
C THR A 426 2.02 -14.45 -29.46
N ALA A 427 1.94 -14.01 -30.71
CA ALA A 427 0.67 -14.06 -31.45
C ALA A 427 0.15 -15.50 -31.46
N GLU A 428 1.07 -16.45 -31.63
CA GLU A 428 0.68 -17.84 -31.65
C GLU A 428 0.22 -18.25 -30.24
N ASP A 429 0.83 -17.67 -29.19
CA ASP A 429 0.41 -18.01 -27.82
C ASP A 429 -1.05 -17.61 -27.65
N LYS A 430 -1.38 -16.39 -28.05
CA LYS A 430 -2.74 -15.87 -27.94
C LYS A 430 -3.79 -16.64 -28.76
N GLU A 431 -3.39 -17.15 -29.93
CA GLU A 431 -4.30 -17.91 -30.79
C GLU A 431 -4.53 -19.27 -30.19
N LEU A 432 -3.49 -19.80 -29.56
CA LEU A 432 -3.63 -21.10 -28.95
C LEU A 432 -4.58 -20.97 -27.77
N LEU A 433 -4.32 -19.98 -26.93
CA LEU A 433 -5.12 -19.74 -25.73
C LEU A 433 -6.56 -19.39 -26.09
N TRP A 434 -6.77 -18.73 -27.24
CA TRP A 434 -8.12 -18.33 -27.66
C TRP A 434 -8.97 -19.43 -28.29
N HIS A 435 -8.39 -20.09 -29.28
CA HIS A 435 -9.01 -21.18 -29.98
C HIS A 435 -9.29 -22.30 -28.97
N PHE A 436 -8.43 -22.50 -27.97
CA PHE A 436 -8.72 -23.54 -26.97
C PHE A 436 -9.15 -22.89 -25.63
N ARG A 437 -9.82 -21.74 -25.74
CA ARG A 437 -10.31 -21.05 -24.57
C ARG A 437 -11.12 -21.91 -23.61
N TYR A 438 -11.95 -22.84 -24.09
CA TYR A 438 -12.73 -23.66 -23.17
C TYR A 438 -11.88 -24.60 -22.34
N GLU A 439 -10.67 -24.84 -22.83
CA GLU A 439 -9.74 -25.68 -22.13
C GLU A 439 -8.99 -24.79 -21.15
N SER A 440 -8.69 -23.58 -21.61
CA SER A 440 -7.99 -22.56 -20.82
C SER A 440 -8.80 -22.23 -19.59
N LEU A 441 -10.11 -22.17 -19.78
CA LEU A 441 -11.02 -21.85 -18.71
C LEU A 441 -10.89 -22.79 -17.50
N LYS A 442 -10.31 -23.98 -17.68
CA LYS A 442 -10.16 -24.97 -16.59
C LYS A 442 -8.82 -24.80 -15.87
N HIS A 443 -8.15 -23.69 -16.13
CA HIS A 443 -6.87 -23.37 -15.50
C HIS A 443 -6.96 -21.94 -15.04
N PRO A 444 -7.37 -21.73 -13.78
CA PRO A 444 -7.50 -20.39 -13.19
C PRO A 444 -6.22 -19.61 -13.36
N LYS A 445 -5.06 -20.27 -13.35
CA LYS A 445 -3.80 -19.52 -13.50
C LYS A 445 -3.51 -19.07 -14.92
N ALA A 446 -4.46 -19.31 -15.81
CA ALA A 446 -4.33 -18.97 -17.20
C ALA A 446 -5.16 -17.73 -17.49
N TYR A 447 -6.18 -17.49 -16.67
CA TYR A 447 -7.05 -16.37 -16.93
C TYR A 447 -6.40 -15.05 -17.37
N PRO A 448 -5.40 -14.57 -16.64
CA PRO A 448 -4.82 -13.33 -17.11
C PRO A 448 -4.34 -13.50 -18.53
N LYS A 449 -3.53 -14.52 -18.79
CA LYS A 449 -3.03 -14.72 -20.14
C LYS A 449 -4.19 -14.84 -21.12
N LEU A 450 -5.19 -15.63 -20.77
CA LEU A 450 -6.31 -15.83 -21.67
C LEU A 450 -7.01 -14.54 -22.02
N PHE A 451 -7.37 -13.77 -21.00
CA PHE A 451 -8.10 -12.53 -21.27
C PHE A 451 -7.20 -11.49 -21.94
N SER A 452 -5.88 -11.66 -21.80
CA SER A 452 -5.03 -10.70 -22.49
C SER A 452 -4.78 -11.23 -23.94
N SER A 453 -5.58 -12.21 -24.36
CA SER A 453 -5.46 -12.79 -25.71
C SER A 453 -6.73 -12.52 -26.52
N VAL A 454 -7.66 -11.83 -25.89
CA VAL A 454 -8.94 -11.48 -26.46
C VAL A 454 -8.84 -10.26 -27.33
N LYS A 455 -9.39 -10.36 -28.54
CA LYS A 455 -9.41 -9.23 -29.45
C LYS A 455 -10.53 -8.27 -29.08
N TRP A 456 -10.25 -7.39 -28.11
CA TRP A 456 -11.26 -6.43 -27.62
C TRP A 456 -11.80 -5.44 -28.65
N GLY A 457 -11.07 -5.23 -29.74
CA GLY A 457 -11.52 -4.33 -30.80
C GLY A 457 -12.46 -5.05 -31.77
N GLN A 458 -13.05 -6.17 -31.33
CA GLN A 458 -13.99 -6.91 -32.14
C GLN A 458 -15.20 -7.24 -31.31
N GLN A 459 -16.36 -6.70 -31.67
CA GLN A 459 -17.63 -6.92 -30.98
C GLN A 459 -18.00 -8.40 -30.79
N GLU A 460 -17.76 -9.19 -31.83
CA GLU A 460 -18.06 -10.61 -31.84
C GLU A 460 -17.15 -11.40 -30.90
N ILE A 461 -15.89 -11.01 -30.85
CA ILE A 461 -14.97 -11.72 -29.98
C ILE A 461 -15.26 -11.39 -28.52
N VAL A 462 -15.60 -10.13 -28.22
CA VAL A 462 -15.90 -9.69 -26.86
C VAL A 462 -17.19 -10.38 -26.41
N ALA A 463 -18.09 -10.48 -27.38
CA ALA A 463 -19.37 -11.10 -27.19
C ALA A 463 -19.17 -12.56 -26.78
N LYS A 464 -18.26 -13.26 -27.46
CA LYS A 464 -17.99 -14.66 -27.12
C LYS A 464 -17.27 -14.82 -25.80
N THR A 465 -16.56 -13.78 -25.40
CA THR A 465 -15.79 -13.80 -24.13
C THR A 465 -16.75 -13.78 -22.98
N TYR A 466 -17.78 -12.95 -23.10
CA TYR A 466 -18.80 -12.89 -22.07
C TYR A 466 -19.52 -14.24 -21.98
N GLN A 467 -19.76 -14.87 -23.13
CA GLN A 467 -20.42 -16.17 -23.16
C GLN A 467 -19.48 -17.16 -22.46
N LEU A 468 -18.19 -16.94 -22.64
CA LEU A 468 -17.19 -17.81 -22.03
C LEU A 468 -17.24 -17.60 -20.52
N LEU A 469 -17.32 -16.33 -20.11
CA LEU A 469 -17.31 -15.99 -18.72
C LEU A 469 -18.56 -16.45 -18.00
N ALA A 470 -19.59 -16.74 -18.77
CA ALA A 470 -20.84 -17.23 -18.18
C ALA A 470 -20.67 -18.74 -17.86
N ARG A 471 -19.49 -19.28 -18.14
CA ARG A 471 -19.14 -20.69 -17.92
C ARG A 471 -18.07 -20.69 -16.82
N ARG A 472 -18.33 -19.89 -15.79
CA ARG A 472 -17.42 -19.68 -14.67
C ARG A 472 -16.97 -20.91 -13.87
N GLU A 473 -17.94 -21.76 -13.53
CA GLU A 473 -17.70 -23.01 -12.79
C GLU A 473 -16.36 -23.18 -12.12
N VAL A 474 -15.36 -23.53 -12.91
CA VAL A 474 -14.03 -23.76 -12.36
C VAL A 474 -13.49 -22.58 -11.59
N TRP A 475 -13.70 -21.38 -12.11
CA TRP A 475 -13.21 -20.16 -11.47
C TRP A 475 -13.90 -19.87 -10.16
N ASP A 476 -15.21 -20.02 -10.13
CA ASP A 476 -15.96 -19.80 -8.91
C ASP A 476 -15.55 -20.73 -7.77
N GLN A 477 -15.07 -21.93 -8.09
CA GLN A 477 -14.71 -22.91 -7.07
C GLN A 477 -13.24 -22.95 -6.76
N SER A 478 -12.42 -22.29 -7.57
CA SER A 478 -10.99 -22.35 -7.29
C SER A 478 -10.67 -21.70 -5.97
N ALA A 479 -9.69 -22.27 -5.26
CA ALA A 479 -9.24 -21.72 -3.99
C ALA A 479 -8.70 -20.32 -4.31
N LEU A 480 -9.22 -19.33 -3.60
CA LEU A 480 -8.83 -17.94 -3.77
C LEU A 480 -7.30 -17.78 -3.76
N ASP A 481 -6.79 -17.13 -4.81
CA ASP A 481 -5.36 -16.88 -4.97
C ASP A 481 -5.20 -15.36 -5.22
N VAL A 482 -4.71 -14.68 -4.21
CA VAL A 482 -4.56 -13.25 -4.28
C VAL A 482 -3.70 -12.79 -5.43
N GLY A 483 -2.60 -13.49 -5.66
CA GLY A 483 -1.71 -13.11 -6.74
C GLY A 483 -2.48 -13.06 -8.06
N LEU A 484 -3.20 -14.15 -8.34
CA LEU A 484 -4.00 -14.29 -9.54
C LEU A 484 -5.04 -13.19 -9.60
N THR A 485 -5.73 -12.99 -8.49
CA THR A 485 -6.76 -11.95 -8.40
C THR A 485 -6.22 -10.57 -8.74
N MET A 486 -5.19 -10.14 -8.03
CA MET A 486 -4.56 -8.84 -8.29
C MET A 486 -4.17 -8.65 -9.77
N GLN A 487 -3.68 -9.70 -10.42
CA GLN A 487 -3.27 -9.57 -11.84
C GLN A 487 -4.42 -9.12 -12.72
N LEU A 488 -5.63 -9.62 -12.46
CA LEU A 488 -6.78 -9.19 -13.23
C LEU A 488 -7.20 -7.77 -12.83
N LEU A 489 -6.49 -7.14 -11.89
CA LEU A 489 -6.89 -5.80 -11.53
C LEU A 489 -5.87 -4.77 -11.93
N ASP A 490 -4.81 -5.17 -12.62
CA ASP A 490 -3.78 -4.21 -13.00
C ASP A 490 -4.13 -3.47 -14.28
N CYS A 491 -3.16 -2.70 -14.77
CA CYS A 491 -3.33 -1.90 -15.98
C CYS A 491 -3.71 -2.62 -17.29
N ASN A 492 -3.46 -3.91 -17.33
CA ASN A 492 -3.74 -4.72 -18.49
C ASN A 492 -5.17 -5.15 -18.72
N PHE A 493 -6.07 -4.90 -17.78
CA PHE A 493 -7.46 -5.31 -18.04
C PHE A 493 -8.44 -4.20 -17.83
N SER A 494 -9.06 -3.74 -18.90
CA SER A 494 -10.06 -2.70 -18.80
C SER A 494 -11.49 -3.19 -18.85
N ASP A 495 -11.70 -4.51 -18.95
CA ASP A 495 -13.06 -5.02 -19.06
C ASP A 495 -13.71 -5.16 -17.68
N GLU A 496 -14.87 -4.56 -17.56
CA GLU A 496 -15.63 -4.56 -16.33
C GLU A 496 -15.94 -5.97 -15.87
N ASN A 497 -16.31 -6.84 -16.79
CA ASN A 497 -16.65 -8.20 -16.39
C ASN A 497 -15.43 -9.02 -16.00
N VAL A 498 -14.32 -8.86 -16.71
CA VAL A 498 -13.14 -9.61 -16.37
C VAL A 498 -12.67 -9.22 -14.98
N ARG A 499 -12.73 -7.92 -14.70
CA ARG A 499 -12.28 -7.37 -13.42
C ARG A 499 -13.25 -7.79 -12.33
N ALA A 500 -14.53 -7.82 -12.70
CA ALA A 500 -15.58 -8.19 -11.76
C ALA A 500 -15.34 -9.54 -11.14
N ILE A 501 -14.90 -10.51 -11.92
CA ILE A 501 -14.67 -11.83 -11.37
C ILE A 501 -13.52 -11.77 -10.40
N ALA A 502 -12.59 -10.84 -10.61
CA ALA A 502 -11.44 -10.73 -9.72
C ALA A 502 -11.97 -10.30 -8.39
N VAL A 503 -12.75 -9.26 -8.44
CA VAL A 503 -13.37 -8.77 -7.23
C VAL A 503 -14.19 -9.86 -6.57
N GLN A 504 -14.93 -10.63 -7.38
CA GLN A 504 -15.76 -11.68 -6.83
C GLN A 504 -15.00 -12.63 -5.88
N LYS A 505 -13.72 -12.80 -6.17
CA LYS A 505 -12.88 -13.67 -5.36
C LYS A 505 -12.38 -12.96 -4.09
N LEU A 506 -12.20 -11.64 -4.18
CA LEU A 506 -11.73 -10.87 -3.06
C LEU A 506 -12.80 -10.89 -2.00
N GLU A 507 -14.01 -11.21 -2.41
CA GLU A 507 -15.12 -11.25 -1.48
C GLU A 507 -14.96 -12.29 -0.38
N SER A 508 -14.12 -13.30 -0.62
CA SER A 508 -13.93 -14.41 0.33
C SER A 508 -12.93 -14.09 1.42
N LEU A 509 -12.05 -13.12 1.16
CA LEU A 509 -11.02 -12.72 2.11
C LEU A 509 -11.58 -12.28 3.46
N GLU A 510 -10.97 -12.74 4.53
CA GLU A 510 -11.45 -12.31 5.83
C GLU A 510 -10.77 -10.97 6.12
N ASP A 511 -11.41 -10.18 7.00
CA ASP A 511 -10.91 -8.88 7.40
C ASP A 511 -9.39 -8.86 7.57
N ASP A 512 -8.86 -9.91 8.17
CA ASP A 512 -7.43 -9.96 8.41
C ASP A 512 -6.58 -9.89 7.14
N ASP A 513 -7.10 -10.45 6.05
CA ASP A 513 -6.40 -10.47 4.76
C ASP A 513 -6.69 -9.19 3.99
N VAL A 514 -7.92 -8.70 4.10
CA VAL A 514 -8.28 -7.47 3.44
C VAL A 514 -7.31 -6.38 3.92
N LEU A 515 -6.93 -6.42 5.20
CA LEU A 515 -5.98 -5.45 5.82
C LEU A 515 -4.57 -5.64 5.28
N HIS A 516 -4.22 -6.88 4.96
CA HIS A 516 -2.89 -7.17 4.40
C HIS A 516 -2.77 -6.58 3.01
N TYR A 517 -3.82 -6.58 2.21
CA TYR A 517 -3.65 -6.04 0.86
C TYR A 517 -4.37 -4.75 0.68
N LEU A 518 -4.97 -4.24 1.73
CA LEU A 518 -5.74 -3.03 1.52
C LEU A 518 -5.07 -1.87 0.70
N LEU A 519 -3.82 -1.55 0.99
CA LEU A 519 -3.23 -0.44 0.28
C LEU A 519 -3.10 -0.79 -1.20
N GLN A 520 -2.65 -2.02 -1.53
CA GLN A 520 -2.52 -2.34 -2.93
C GLN A 520 -3.90 -2.39 -3.58
N LEU A 521 -4.95 -2.85 -2.87
CA LEU A 521 -6.30 -2.89 -3.49
C LEU A 521 -6.73 -1.49 -3.80
N VAL A 522 -6.44 -0.56 -2.89
CA VAL A 522 -6.85 0.82 -3.10
C VAL A 522 -6.01 1.38 -4.26
N GLN A 523 -4.73 1.08 -4.29
CA GLN A 523 -3.97 1.63 -5.39
C GLN A 523 -4.53 1.13 -6.71
N ALA A 524 -4.99 -0.13 -6.76
CA ALA A 524 -5.49 -0.71 -8.02
C ALA A 524 -6.71 0.01 -8.61
N VAL A 525 -7.38 0.85 -7.81
CA VAL A 525 -8.54 1.63 -8.28
C VAL A 525 -8.13 2.60 -9.38
N LYS A 526 -6.83 2.90 -9.46
CA LYS A 526 -6.32 3.80 -10.48
C LYS A 526 -6.30 3.06 -11.83
N PHE A 527 -6.52 1.75 -11.82
CA PHE A 527 -6.52 0.97 -13.05
C PHE A 527 -7.94 0.83 -13.62
N GLU A 528 -8.95 1.18 -12.81
CA GLU A 528 -10.34 1.13 -13.25
C GLU A 528 -10.68 2.23 -14.26
N PRO A 529 -11.25 1.83 -15.42
CA PRO A 529 -11.63 2.80 -16.45
C PRO A 529 -12.72 3.71 -15.92
N TYR A 530 -13.59 3.21 -15.04
CA TYR A 530 -14.62 4.15 -14.53
C TYR A 530 -14.51 4.42 -13.03
N HIS A 531 -15.10 5.52 -12.59
CA HIS A 531 -15.11 5.89 -11.20
C HIS A 531 -15.82 4.89 -10.32
N ASP A 532 -17.04 4.53 -10.69
CA ASP A 532 -17.75 3.59 -9.88
C ASP A 532 -17.41 2.23 -10.43
N SER A 533 -16.85 1.35 -9.62
CA SER A 533 -16.44 0.02 -10.06
C SER A 533 -16.70 -1.00 -8.94
N ALA A 534 -16.57 -2.29 -9.29
CA ALA A 534 -16.78 -3.36 -8.36
C ALA A 534 -15.70 -3.24 -7.25
N LEU A 535 -14.46 -2.91 -7.63
CA LEU A 535 -13.39 -2.74 -6.64
C LEU A 535 -13.68 -1.59 -5.65
N ALA A 536 -14.19 -0.50 -6.18
CA ALA A 536 -14.48 0.66 -5.35
C ALA A 536 -15.61 0.31 -4.36
N ARG A 537 -16.57 -0.47 -4.82
CA ARG A 537 -17.68 -0.82 -3.94
C ARG A 537 -17.23 -1.82 -2.94
N PHE A 538 -16.40 -2.76 -3.38
CA PHE A 538 -15.87 -3.75 -2.46
C PHE A 538 -15.11 -3.05 -1.33
N LEU A 539 -14.21 -2.12 -1.69
CA LEU A 539 -13.46 -1.42 -0.66
C LEU A 539 -14.39 -0.63 0.26
N LEU A 540 -15.30 0.14 -0.34
CA LEU A 540 -16.28 0.92 0.40
C LEU A 540 -17.02 0.06 1.41
N LYS A 541 -17.36 -1.16 1.01
CA LYS A 541 -18.09 -2.03 1.89
C LYS A 541 -17.27 -2.66 3.01
N ARG A 542 -16.04 -3.08 2.70
CA ARG A 542 -15.28 -3.69 3.75
C ARG A 542 -14.88 -2.66 4.80
N GLY A 543 -14.66 -1.43 4.37
CA GLY A 543 -14.28 -0.41 5.32
C GLY A 543 -15.42 -0.04 6.24
N LEU A 544 -16.60 0.05 5.66
CA LEU A 544 -17.81 0.37 6.43
C LEU A 544 -18.10 -0.77 7.37
N ARG A 545 -17.75 -1.98 6.95
CA ARG A 545 -18.00 -3.16 7.76
C ARG A 545 -17.03 -3.38 8.91
N ASN A 546 -15.92 -2.64 8.95
CA ASN A 546 -14.92 -2.89 9.99
C ASN A 546 -14.14 -1.61 10.21
N LYS A 547 -14.19 -1.14 11.45
CA LYS A 547 -13.56 0.10 11.82
C LYS A 547 -12.08 0.11 11.52
N ARG A 548 -11.40 -1.00 11.75
CA ARG A 548 -9.97 -1.03 11.47
C ARG A 548 -9.70 -0.84 10.01
N ILE A 549 -10.38 -1.62 9.17
CA ILE A 549 -10.18 -1.50 7.74
C ILE A 549 -10.57 -0.10 7.35
N GLY A 550 -11.69 0.36 7.93
CA GLY A 550 -12.19 1.69 7.66
C GLY A 550 -11.17 2.79 7.89
N HIS A 551 -10.56 2.71 9.07
CA HIS A 551 -9.55 3.65 9.52
C HIS A 551 -8.45 3.73 8.47
N PHE A 552 -7.91 2.59 8.08
CA PHE A 552 -6.89 2.69 7.09
C PHE A 552 -7.42 3.16 5.73
N LEU A 553 -8.57 2.63 5.30
CA LEU A 553 -9.16 3.06 4.02
C LEU A 553 -9.18 4.59 4.02
N PHE A 554 -9.55 5.18 5.16
CA PHE A 554 -9.62 6.64 5.29
C PHE A 554 -8.25 7.29 4.93
N TRP A 555 -7.22 6.89 5.68
CA TRP A 555 -5.89 7.46 5.47
C TRP A 555 -5.31 7.18 4.08
N PHE A 556 -5.45 5.96 3.58
CA PHE A 556 -4.98 5.58 2.25
C PHE A 556 -5.65 6.39 1.14
N LEU A 557 -6.97 6.61 1.20
CA LEU A 557 -7.58 7.41 0.17
C LEU A 557 -7.10 8.85 0.33
N ARG A 558 -7.02 9.35 1.57
CA ARG A 558 -6.63 10.76 1.82
C ARG A 558 -5.22 11.11 1.40
N SER A 559 -4.39 10.08 1.43
CA SER A 559 -3.00 10.17 1.05
C SER A 559 -2.92 10.50 -0.45
N GLU A 560 -3.76 9.85 -1.24
CA GLU A 560 -3.79 10.09 -2.68
C GLU A 560 -4.51 11.40 -3.04
N ILE A 561 -5.61 11.67 -2.36
CA ILE A 561 -6.32 12.87 -2.63
C ILE A 561 -5.48 14.13 -2.40
N ALA A 562 -4.53 14.05 -1.48
CA ALA A 562 -3.76 15.22 -1.19
C ALA A 562 -2.63 15.46 -2.17
N GLN A 563 -2.14 14.42 -2.80
CA GLN A 563 -0.97 14.61 -3.64
C GLN A 563 -1.11 14.19 -5.07
N SER A 564 -2.27 13.67 -5.40
CA SER A 564 -2.45 13.16 -6.74
C SER A 564 -3.50 13.83 -7.53
N ARG A 565 -3.12 14.86 -8.27
CA ARG A 565 -4.08 15.55 -9.11
C ARG A 565 -4.73 14.59 -10.09
N HIS A 566 -4.01 13.56 -10.51
CA HIS A 566 -4.56 12.62 -11.47
C HIS A 566 -5.72 11.80 -10.98
N TYR A 567 -5.79 11.52 -9.68
CA TYR A 567 -6.86 10.67 -9.20
C TYR A 567 -7.59 11.14 -7.94
N GLN A 568 -7.27 12.34 -7.48
CA GLN A 568 -7.89 12.79 -6.26
C GLN A 568 -9.40 12.91 -6.39
N GLN A 569 -9.87 13.31 -7.55
CA GLN A 569 -11.33 13.43 -7.77
C GLN A 569 -12.03 12.08 -7.56
N ARG A 570 -11.59 11.05 -8.30
CA ARG A 570 -12.15 9.73 -8.13
C ARG A 570 -12.01 9.29 -6.66
N PHE A 571 -10.80 9.40 -6.10
CA PHE A 571 -10.63 8.96 -4.71
C PHE A 571 -11.44 9.77 -3.67
N ALA A 572 -11.69 11.05 -3.96
CA ALA A 572 -12.46 11.89 -3.03
C ALA A 572 -13.91 11.39 -2.93
N VAL A 573 -14.48 11.06 -4.07
CA VAL A 573 -15.87 10.58 -4.12
C VAL A 573 -16.04 9.27 -3.34
N ILE A 574 -15.02 8.41 -3.38
CA ILE A 574 -15.08 7.12 -2.69
C ILE A 574 -14.90 7.39 -1.19
N LEU A 575 -13.98 8.28 -0.84
CA LEU A 575 -13.77 8.62 0.58
C LEU A 575 -15.04 9.26 1.16
N GLU A 576 -15.69 10.12 0.40
CA GLU A 576 -16.94 10.73 0.89
C GLU A 576 -17.97 9.64 1.20
N ALA A 577 -18.27 8.86 0.17
CA ALA A 577 -19.21 7.77 0.30
C ALA A 577 -18.92 6.92 1.58
N TYR A 578 -17.64 6.81 1.96
CA TYR A 578 -17.26 6.03 3.15
C TYR A 578 -17.57 6.82 4.44
N LEU A 579 -17.20 8.09 4.47
CA LEU A 579 -17.41 8.94 5.63
C LEU A 579 -18.89 9.08 5.99
N ARG A 580 -19.73 8.99 4.96
CA ARG A 580 -21.18 9.13 5.14
C ARG A 580 -21.85 7.92 5.79
N GLY A 581 -21.08 6.90 6.12
CA GLY A 581 -21.67 5.74 6.77
C GLY A 581 -20.73 5.12 7.79
N CYS A 582 -19.63 5.81 8.14
CA CYS A 582 -18.70 5.20 9.08
C CYS A 582 -19.23 5.29 10.49
N GLY A 583 -20.06 6.32 10.72
CA GLY A 583 -20.66 6.49 12.02
C GLY A 583 -20.15 7.77 12.64
N THR A 584 -20.99 8.41 13.44
CA THR A 584 -20.62 9.67 14.08
C THR A 584 -19.35 9.55 14.92
N ALA A 585 -19.18 8.47 15.67
CA ALA A 585 -17.96 8.29 16.47
C ALA A 585 -16.72 8.31 15.56
N MET A 586 -16.70 7.47 14.54
CA MET A 586 -15.59 7.45 13.58
C MET A 586 -15.37 8.89 13.06
N LEU A 587 -16.45 9.53 12.64
CA LEU A 587 -16.37 10.88 12.13
C LEU A 587 -15.70 11.82 13.14
N HIS A 588 -15.98 11.60 14.42
CA HIS A 588 -15.41 12.43 15.44
C HIS A 588 -13.89 12.13 15.46
N ASP A 589 -13.50 10.86 15.59
CA ASP A 589 -12.09 10.53 15.62
C ASP A 589 -11.30 11.04 14.44
N PHE A 590 -11.86 10.91 13.23
CA PHE A 590 -11.16 11.38 12.06
C PHE A 590 -10.98 12.88 12.14
N THR A 591 -11.98 13.59 12.69
CA THR A 591 -11.90 15.06 12.83
C THR A 591 -10.71 15.37 13.78
N GLN A 592 -10.69 14.72 14.95
CA GLN A 592 -9.59 14.89 15.89
C GLN A 592 -8.22 14.69 15.21
N GLN A 593 -8.06 13.60 14.49
CA GLN A 593 -6.78 13.33 13.82
C GLN A 593 -6.43 14.37 12.77
N VAL A 594 -7.39 14.71 11.93
CA VAL A 594 -7.11 15.68 10.88
C VAL A 594 -6.67 17.02 11.45
N GLN A 595 -7.34 17.46 12.50
CA GLN A 595 -7.02 18.72 13.14
C GLN A 595 -5.60 18.73 13.69
N VAL A 596 -5.20 17.64 14.31
CA VAL A 596 -3.85 17.51 14.83
C VAL A 596 -2.81 17.47 13.72
N ILE A 597 -3.00 16.68 12.70
CA ILE A 597 -1.99 16.66 11.67
C ILE A 597 -1.98 17.99 10.96
N GLU A 598 -3.14 18.60 10.79
CA GLU A 598 -3.17 19.86 10.09
C GLU A 598 -2.37 20.94 10.85
N MET A 599 -2.45 20.89 12.17
CA MET A 599 -1.75 21.81 13.06
C MET A 599 -0.26 21.54 13.10
N LEU A 600 0.10 20.25 13.09
CA LEU A 600 1.51 19.86 13.09
C LEU A 600 2.12 20.12 11.72
N GLN A 601 1.32 20.04 10.66
CA GLN A 601 1.88 20.29 9.33
C GLN A 601 2.33 21.74 9.20
N LYS A 602 1.50 22.65 9.70
CA LYS A 602 1.78 24.09 9.64
C LYS A 602 3.01 24.42 10.48
N VAL A 603 3.06 23.80 11.66
CA VAL A 603 4.18 24.00 12.57
C VAL A 603 5.47 23.53 11.91
N THR A 604 5.44 22.38 11.25
CA THR A 604 6.64 21.85 10.63
C THR A 604 7.14 22.69 9.47
N LEU A 605 6.22 23.38 8.81
CA LEU A 605 6.54 24.21 7.66
C LEU A 605 7.44 25.38 8.05
N ASP A 606 6.92 26.24 8.94
CA ASP A 606 7.63 27.41 9.47
C ASP A 606 9.00 27.00 9.94
N ILE A 607 9.04 26.07 10.88
CA ILE A 607 10.29 25.59 11.41
C ILE A 607 11.23 25.11 10.31
N LYS A 608 10.70 24.32 9.38
CA LYS A 608 11.53 23.78 8.30
C LYS A 608 12.22 24.89 7.52
N SER A 609 11.44 25.91 7.19
CA SER A 609 11.91 27.06 6.45
C SER A 609 13.22 27.62 7.03
N LEU A 610 13.18 28.00 8.30
CA LEU A 610 14.31 28.59 9.00
C LEU A 610 15.51 27.67 9.25
N SER A 611 16.06 27.10 8.18
CA SER A 611 17.24 26.23 8.25
C SER A 611 17.39 25.39 6.99
N ALA A 612 18.19 25.87 6.06
CA ALA A 612 18.42 25.15 4.81
C ALA A 612 19.16 23.83 5.04
N GLU A 613 19.99 23.47 4.06
CA GLU A 613 20.79 22.24 4.09
C GLU A 613 21.94 22.41 5.08
N LYS A 614 21.63 22.94 6.25
CA LYS A 614 22.59 23.19 7.31
C LYS A 614 22.23 22.35 8.54
N TYR A 615 22.99 21.29 8.77
CA TYR A 615 22.75 20.41 9.92
C TYR A 615 23.26 21.11 11.18
N ASP A 616 22.33 21.74 11.90
CA ASP A 616 22.68 22.46 13.12
C ASP A 616 21.67 22.27 14.23
N VAL A 617 20.49 22.85 14.05
CA VAL A 617 19.44 22.77 15.04
C VAL A 617 19.86 23.54 16.28
N SER A 618 19.95 24.85 16.16
CA SER A 618 20.36 25.67 17.29
C SER A 618 19.21 25.87 18.27
N SER A 619 19.56 26.43 19.44
CA SER A 619 18.56 26.69 20.49
C SER A 619 17.52 27.65 19.96
N GLN A 620 17.86 28.33 18.86
CA GLN A 620 16.94 29.29 18.24
C GLN A 620 15.79 28.57 17.56
N VAL A 621 16.10 27.68 16.63
CA VAL A 621 15.06 26.94 15.92
C VAL A 621 14.26 26.11 16.94
N ILE A 622 14.95 25.45 17.86
CA ILE A 622 14.30 24.63 18.87
C ILE A 622 13.34 25.47 19.69
N SER A 623 13.83 26.61 20.19
CA SER A 623 12.98 27.51 20.97
C SER A 623 11.70 27.85 20.16
N GLN A 624 11.88 28.39 18.96
CA GLN A 624 10.76 28.75 18.08
C GLN A 624 9.87 27.53 17.77
N LEU A 625 10.41 26.33 17.95
CA LEU A 625 9.66 25.10 17.73
C LEU A 625 8.82 24.86 18.97
N LYS A 626 9.42 24.97 20.12
CA LYS A 626 8.66 24.79 21.35
C LYS A 626 7.58 25.89 21.46
N GLN A 627 7.97 27.12 21.15
CA GLN A 627 7.05 28.27 21.23
C GLN A 627 5.72 28.02 20.54
N LYS A 628 5.76 27.42 19.35
CA LYS A 628 4.55 27.14 18.59
C LYS A 628 3.72 26.01 19.22
N LEU A 629 4.39 24.96 19.69
CA LEU A 629 3.67 23.86 20.32
C LEU A 629 2.91 24.38 21.53
N GLU A 630 3.36 25.50 22.07
CA GLU A 630 2.73 26.11 23.24
C GLU A 630 1.32 26.51 22.85
N ASN A 631 1.22 27.30 21.79
CA ASN A 631 -0.06 27.76 21.26
C ASN A 631 -1.01 26.60 21.05
N LEU A 632 -0.53 25.57 20.34
CA LEU A 632 -1.31 24.38 20.06
C LEU A 632 -1.73 23.68 21.36
N GLN A 633 -0.88 23.76 22.38
CA GLN A 633 -1.20 23.14 23.66
C GLN A 633 -2.47 23.75 24.26
N ASN A 634 -3.02 24.76 23.60
CA ASN A 634 -4.24 25.42 24.07
C ASN A 634 -5.54 24.86 23.48
N SER A 635 -6.45 25.74 23.11
CA SER A 635 -7.73 25.31 22.55
C SER A 635 -7.62 24.98 21.07
N GLN A 636 -6.56 24.28 20.70
CA GLN A 636 -6.37 23.87 19.30
C GLN A 636 -6.20 22.35 19.27
N LEU A 637 -5.01 21.89 19.66
CA LEU A 637 -4.70 20.46 19.71
C LEU A 637 -5.74 19.78 20.60
N PRO A 638 -6.64 18.96 20.02
CA PRO A 638 -7.69 18.25 20.77
C PRO A 638 -7.07 17.47 21.92
N GLU A 639 -7.86 17.19 22.96
CA GLU A 639 -7.43 16.46 24.15
C GLU A 639 -6.64 15.20 23.78
N SER A 640 -7.09 14.57 22.71
CA SER A 640 -6.45 13.37 22.22
C SER A 640 -6.83 13.04 20.79
N PHE A 641 -6.19 12.00 20.25
CA PHE A 641 -6.43 11.56 18.89
C PHE A 641 -5.86 10.17 18.70
N ARG A 642 -6.41 9.40 17.76
CA ARG A 642 -5.89 8.06 17.51
C ARG A 642 -4.65 8.19 16.62
N VAL A 643 -3.64 7.38 16.91
CA VAL A 643 -2.38 7.37 16.17
C VAL A 643 -2.72 6.72 14.86
N PRO A 644 -2.68 7.52 13.79
CA PRO A 644 -3.02 7.04 12.45
C PRO A 644 -2.47 5.70 11.99
N TYR A 645 -1.23 5.37 12.34
CA TYR A 645 -0.69 4.09 11.91
C TYR A 645 -0.94 3.01 12.95
N ASP A 646 -1.58 3.36 14.06
CA ASP A 646 -1.85 2.40 15.11
C ASP A 646 -3.16 2.86 15.69
N PRO A 647 -4.25 2.58 14.96
CA PRO A 647 -5.59 3.00 15.38
C PRO A 647 -5.96 2.64 16.80
N GLY A 648 -5.35 1.61 17.36
CA GLY A 648 -5.71 1.25 18.72
C GLY A 648 -5.18 2.18 19.81
N LEU A 649 -4.09 2.88 19.53
CA LEU A 649 -3.48 3.77 20.52
C LEU A 649 -4.02 5.19 20.52
N LYS A 650 -4.21 5.74 21.72
CA LYS A 650 -4.69 7.12 21.86
C LYS A 650 -3.61 8.06 22.37
N ALA A 651 -3.35 9.12 21.62
CA ALA A 651 -2.35 10.10 22.01
C ALA A 651 -2.95 11.27 22.81
N GLY A 652 -2.30 11.57 23.93
CA GLY A 652 -2.77 12.64 24.78
C GLY A 652 -2.07 13.94 24.56
N ALA A 653 -1.76 14.59 25.67
CA ALA A 653 -1.09 15.86 25.61
C ALA A 653 0.30 15.73 25.03
N LEU A 654 0.74 16.83 24.47
CA LEU A 654 2.05 16.88 23.86
C LEU A 654 3.11 17.17 24.93
N ALA A 655 4.01 16.20 25.15
CA ALA A 655 5.12 16.37 26.10
C ALA A 655 6.16 17.30 25.41
N ILE A 656 5.82 18.60 25.35
CA ILE A 656 6.63 19.64 24.70
C ILE A 656 8.10 19.60 25.09
N GLU A 657 8.35 19.22 26.35
CA GLU A 657 9.70 19.10 26.87
C GLU A 657 10.52 18.17 25.97
N LYS A 658 10.05 16.94 25.84
CA LYS A 658 10.75 15.94 25.05
C LYS A 658 10.60 16.13 23.56
N CYS A 659 10.12 17.28 23.15
CA CYS A 659 9.95 17.53 21.71
C CYS A 659 11.16 18.28 21.16
N LYS A 660 11.37 18.15 19.86
CA LYS A 660 12.47 18.86 19.23
C LYS A 660 12.55 18.69 17.72
N VAL A 661 13.67 19.09 17.15
CA VAL A 661 13.88 18.99 15.71
C VAL A 661 15.13 18.15 15.47
N MET A 662 15.00 17.20 14.54
CA MET A 662 16.09 16.30 14.20
C MET A 662 17.08 16.99 13.30
N ALA A 663 18.31 16.50 13.35
CA ALA A 663 19.40 17.03 12.55
C ALA A 663 19.16 16.82 11.06
N SER A 664 18.56 15.69 10.71
CA SER A 664 18.27 15.31 9.32
C SER A 664 18.32 16.40 8.26
N LYS A 665 18.63 15.99 7.02
CA LYS A 665 18.72 16.86 5.83
C LYS A 665 17.48 17.76 5.69
N LYS A 666 16.29 17.19 5.87
CA LYS A 666 15.05 17.97 5.80
C LYS A 666 14.83 18.37 7.25
N LYS A 667 13.62 18.78 7.61
CA LYS A 667 13.42 19.18 9.02
C LYS A 667 12.43 18.34 9.81
N PRO A 668 12.82 17.10 10.16
CA PRO A 668 11.93 16.22 10.93
C PRO A 668 11.52 16.82 12.27
N LEU A 669 10.29 16.57 12.65
CA LEU A 669 9.78 17.06 13.92
C LEU A 669 9.62 15.88 14.86
N TRP A 670 10.42 15.80 15.91
CA TRP A 670 10.35 14.69 16.88
C TRP A 670 9.39 15.05 18.03
N LEU A 671 8.20 14.44 18.04
CA LEU A 671 7.18 14.70 19.07
C LEU A 671 6.93 13.47 19.93
N GLU A 672 6.52 13.73 21.16
CA GLU A 672 6.24 12.64 22.07
C GLU A 672 4.99 13.00 22.78
N PHE A 673 4.10 12.03 22.92
CA PHE A 673 2.84 12.26 23.59
C PHE A 673 2.63 11.26 24.70
N LYS A 674 1.84 11.67 25.68
CA LYS A 674 1.52 10.81 26.80
C LYS A 674 0.29 9.96 26.41
N CYS A 675 0.29 8.68 26.75
CA CYS A 675 -0.87 7.85 26.40
C CYS A 675 -2.12 8.42 27.07
N ALA A 676 -3.18 8.58 26.28
CA ALA A 676 -4.41 9.13 26.80
C ALA A 676 -5.18 8.15 27.67
N ASP A 677 -4.88 6.86 27.55
CA ASP A 677 -5.58 5.84 28.34
C ASP A 677 -4.96 5.66 29.74
N PRO A 678 -5.75 5.88 30.80
CA PRO A 678 -5.30 5.74 32.20
C PRO A 678 -4.92 4.29 32.53
N THR A 679 -5.52 3.34 31.83
CA THR A 679 -5.25 1.91 32.06
C THR A 679 -4.02 1.35 31.35
N ALA A 680 -3.22 2.23 30.76
CA ALA A 680 -2.00 1.82 30.07
C ALA A 680 -1.01 1.16 31.04
N LEU A 681 -0.16 0.29 30.50
CA LEU A 681 0.85 -0.43 31.29
C LEU A 681 1.99 0.47 31.77
N SER A 682 2.84 0.90 30.83
CA SER A 682 3.97 1.77 31.15
C SER A 682 3.67 3.24 30.92
N ASN A 683 4.43 4.09 31.59
CA ASN A 683 4.29 5.54 31.48
C ASN A 683 4.83 5.96 30.11
N GLU A 684 5.37 4.98 29.38
CA GLU A 684 5.93 5.19 28.03
C GLU A 684 5.12 6.20 27.21
N THR A 685 5.86 7.09 26.54
CA THR A 685 5.27 8.16 25.73
C THR A 685 5.15 7.68 24.28
N ILE A 686 4.28 8.33 23.52
CA ILE A 686 4.12 7.93 22.15
C ILE A 686 5.02 8.79 21.27
N GLY A 687 5.98 8.15 20.62
CA GLY A 687 6.90 8.89 19.80
C GLY A 687 6.45 8.87 18.37
N ILE A 688 6.35 10.05 17.79
CA ILE A 688 5.96 10.14 16.41
C ILE A 688 6.82 11.19 15.78
N ILE A 689 7.29 10.90 14.57
CA ILE A 689 8.09 11.84 13.81
C ILE A 689 7.18 12.41 12.71
N PHE A 690 7.33 13.70 12.45
CA PHE A 690 6.55 14.43 11.45
C PHE A 690 7.56 14.97 10.48
N LYS A 691 7.51 14.51 9.23
CA LYS A 691 8.48 14.90 8.24
C LYS A 691 7.84 15.62 7.06
N HIS A 692 8.64 16.40 6.36
CA HIS A 692 8.21 17.14 5.17
C HIS A 692 9.27 16.96 4.08
N GLY A 693 8.85 16.83 2.84
CA GLY A 693 9.84 16.67 1.77
C GLY A 693 10.36 15.25 1.60
N ASP A 694 9.41 14.33 1.46
CA ASP A 694 9.74 12.94 1.27
C ASP A 694 8.58 12.17 0.64
N ASP A 695 8.91 11.28 -0.30
CA ASP A 695 7.89 10.48 -0.96
C ASP A 695 7.49 9.39 0.04
N LEU A 696 6.64 9.78 1.00
CA LEU A 696 6.18 8.87 2.05
C LEU A 696 5.31 7.75 1.51
N ARG A 697 4.63 7.96 0.38
CA ARG A 697 3.80 6.93 -0.22
C ARG A 697 4.66 5.76 -0.64
N GLN A 698 5.88 6.00 -1.11
CA GLN A 698 6.79 4.89 -1.47
C GLN A 698 7.13 4.01 -0.25
N ASP A 699 7.35 4.64 0.91
CA ASP A 699 7.68 3.90 2.13
C ASP A 699 6.48 3.05 2.52
N MET A 700 5.28 3.62 2.41
CA MET A 700 4.06 2.89 2.72
C MET A 700 3.98 1.61 1.88
N LEU A 701 4.24 1.76 0.58
CA LEU A 701 4.19 0.60 -0.27
C LEU A 701 5.18 -0.48 0.19
N ILE A 702 6.46 -0.10 0.32
CA ILE A 702 7.49 -1.04 0.78
C ILE A 702 7.17 -1.69 2.15
N LEU A 703 6.57 -0.95 3.08
CA LEU A 703 6.25 -1.50 4.40
C LEU A 703 5.15 -2.54 4.38
N GLN A 704 4.24 -2.37 3.42
CA GLN A 704 3.12 -3.29 3.30
C GLN A 704 3.65 -4.54 2.64
N ILE A 705 4.51 -4.40 1.65
CA ILE A 705 5.07 -5.58 1.04
C ILE A 705 5.82 -6.37 2.13
N LEU A 706 6.53 -5.66 3.01
CA LEU A 706 7.25 -6.33 4.09
C LEU A 706 6.26 -7.09 4.97
N ARG A 707 5.16 -6.44 5.34
CA ARG A 707 4.15 -7.13 6.16
C ARG A 707 3.59 -8.37 5.44
N ILE A 708 3.55 -8.33 4.11
CA ILE A 708 3.06 -9.44 3.30
C ILE A 708 4.06 -10.61 3.29
N MET A 709 5.36 -10.31 3.15
CA MET A 709 6.39 -11.37 3.14
C MET A 709 6.39 -12.05 4.53
N GLU A 710 6.22 -11.27 5.59
CA GLU A 710 6.16 -11.87 6.89
C GLU A 710 5.02 -12.89 6.92
N SER A 711 3.83 -12.52 6.40
CA SER A 711 2.70 -13.45 6.44
C SER A 711 3.01 -14.69 5.61
N ILE A 712 3.67 -14.51 4.46
CA ILE A 712 4.04 -15.65 3.64
C ILE A 712 4.90 -16.60 4.46
N TRP A 713 5.94 -16.07 5.08
CA TRP A 713 6.81 -16.89 5.93
C TRP A 713 6.05 -17.55 7.07
N GLU A 714 5.01 -16.89 7.56
CA GLU A 714 4.23 -17.44 8.65
C GLU A 714 3.52 -18.70 8.15
N THR A 715 2.97 -18.66 6.94
CA THR A 715 2.28 -19.84 6.44
C THR A 715 3.22 -21.05 6.47
N GLU A 716 4.54 -20.79 6.56
CA GLU A 716 5.56 -21.82 6.60
C GLU A 716 6.32 -21.86 7.92
N SER A 717 5.62 -21.51 8.98
CA SER A 717 6.20 -21.54 10.32
C SER A 717 7.53 -20.78 10.51
N LEU A 718 7.64 -19.61 9.91
CA LEU A 718 8.85 -18.82 10.05
C LEU A 718 8.62 -17.43 10.63
N ASP A 719 9.50 -17.01 11.49
CA ASP A 719 9.37 -15.68 12.03
C ASP A 719 10.69 -14.91 11.81
N LEU A 720 10.85 -14.32 10.63
CA LEU A 720 12.08 -13.59 10.33
C LEU A 720 12.24 -12.29 11.13
N CYS A 721 11.35 -12.04 12.09
CA CYS A 721 11.41 -10.84 12.93
C CYS A 721 11.55 -9.48 12.22
N LEU A 722 10.83 -9.25 11.12
CA LEU A 722 10.97 -7.94 10.48
C LEU A 722 10.31 -6.97 11.39
N LEU A 723 10.47 -5.70 11.08
CA LEU A 723 9.85 -4.68 11.89
C LEU A 723 9.39 -3.60 10.93
N PRO A 724 8.16 -3.71 10.41
CA PRO A 724 7.57 -2.75 9.48
C PRO A 724 6.84 -1.69 10.34
N TYR A 725 7.60 -0.67 10.75
CA TYR A 725 7.12 0.42 11.59
C TYR A 725 6.05 1.25 10.88
N GLY A 726 5.18 1.84 11.71
CA GLY A 726 4.11 2.67 11.22
C GLY A 726 4.59 3.85 10.39
N CYS A 727 3.87 4.16 9.31
CA CYS A 727 4.21 5.24 8.39
C CYS A 727 3.01 5.60 7.51
N ILE A 728 2.49 6.80 7.69
CA ILE A 728 1.33 7.26 6.94
C ILE A 728 1.60 8.50 6.19
N SER A 729 1.38 8.51 4.89
CA SER A 729 1.59 9.69 4.09
C SER A 729 0.38 10.61 4.22
N THR A 730 0.55 11.81 4.78
CA THR A 730 -0.56 12.76 4.95
C THR A 730 -0.81 13.77 3.81
N GLY A 731 0.27 14.30 3.23
CA GLY A 731 0.17 15.26 2.14
C GLY A 731 1.31 15.05 1.16
N ASP A 732 1.61 16.05 0.34
CA ASP A 732 2.67 15.90 -0.66
C ASP A 732 4.09 15.96 -0.06
N LYS A 733 4.68 14.80 0.12
CA LYS A 733 6.01 14.69 0.71
C LYS A 733 5.99 14.84 2.26
N ILE A 734 4.82 15.13 2.84
CA ILE A 734 4.66 15.27 4.28
C ILE A 734 3.83 14.14 4.95
N GLY A 735 4.20 13.74 6.15
CA GLY A 735 3.48 12.70 6.82
C GLY A 735 4.18 12.38 8.11
N MET A 736 3.63 11.43 8.86
CA MET A 736 4.21 11.03 10.12
C MET A 736 4.82 9.64 10.11
N ILE A 737 5.76 9.42 11.02
CA ILE A 737 6.44 8.15 11.14
C ILE A 737 6.50 7.63 12.59
N GLU A 738 6.41 6.33 12.76
CA GLU A 738 6.47 5.76 14.10
C GLU A 738 7.96 5.73 14.61
N ILE A 739 8.15 6.10 15.88
CA ILE A 739 9.47 6.08 16.50
C ILE A 739 9.58 4.78 17.29
N VAL A 740 10.48 3.90 16.86
CA VAL A 740 10.69 2.63 17.57
C VAL A 740 11.46 2.96 18.86
N LYS A 741 11.10 2.28 19.93
CA LYS A 741 11.69 2.48 21.24
C LYS A 741 13.09 1.86 21.41
N ASP A 742 14.04 2.65 21.88
CA ASP A 742 15.38 2.14 22.14
C ASP A 742 16.08 1.57 20.91
N ALA A 743 16.28 2.45 19.93
CA ALA A 743 16.91 2.12 18.67
C ALA A 743 17.79 3.26 18.11
N THR A 744 18.89 2.88 17.47
CA THR A 744 19.76 3.86 16.83
C THR A 744 20.20 3.20 15.55
N THR A 745 20.85 3.99 14.72
CA THR A 745 21.41 3.58 13.45
C THR A 745 22.66 2.77 13.69
N ILE A 746 23.01 1.95 12.71
CA ILE A 746 24.24 1.19 12.78
C ILE A 746 25.37 2.23 12.69
N ALA A 747 25.17 3.26 11.86
CA ALA A 747 26.16 4.34 11.72
C ALA A 747 26.49 5.03 13.03
N LYS A 748 25.45 5.44 13.74
CA LYS A 748 25.63 6.13 15.00
C LYS A 748 26.36 5.26 16.04
N ILE A 749 26.20 3.93 15.93
CA ILE A 749 26.86 3.02 16.86
C ILE A 749 28.36 3.05 16.48
N GLN A 750 28.62 3.13 15.18
CA GLN A 750 29.98 3.18 14.70
C GLN A 750 30.56 4.51 15.15
N GLN A 751 29.81 5.59 14.90
CA GLN A 751 30.22 6.96 15.27
C GLN A 751 30.56 7.05 16.76
N SER A 752 29.90 6.22 17.55
CA SER A 752 30.08 6.18 19.01
C SER A 752 31.47 5.79 19.47
N THR A 753 32.09 4.83 18.79
CA THR A 753 33.43 4.34 19.11
C THR A 753 34.45 4.78 18.09
N VAL A 754 34.39 4.18 16.90
CA VAL A 754 35.30 4.51 15.81
C VAL A 754 35.52 5.99 15.69
N GLY A 755 34.47 6.78 15.89
CA GLY A 755 34.61 8.22 15.78
C GLY A 755 33.76 8.78 14.67
N ASN A 756 34.09 9.99 14.23
CA ASN A 756 33.34 10.64 13.16
C ASN A 756 33.15 9.76 11.94
N THR A 757 33.98 9.97 10.92
CA THR A 757 33.87 9.21 9.69
C THR A 757 34.83 8.01 9.57
N GLY A 758 35.76 7.90 10.52
CA GLY A 758 36.70 6.78 10.47
C GLY A 758 36.07 5.42 10.13
N PHE A 760 36.02 2.02 10.32
CA PHE A 760 34.93 1.17 10.77
C PHE A 760 35.42 -0.06 11.50
N LYS A 761 35.03 -0.23 12.76
CA LYS A 761 35.43 -1.39 13.53
C LYS A 761 34.44 -2.55 13.48
N ASP A 762 34.96 -3.76 13.59
CA ASP A 762 34.14 -4.95 13.51
C ASP A 762 33.42 -5.35 14.80
N GLU A 763 33.95 -4.94 15.95
CA GLU A 763 33.35 -5.34 17.23
C GLU A 763 32.40 -4.34 17.87
N VAL A 764 32.35 -3.14 17.33
CA VAL A 764 31.52 -2.07 17.88
C VAL A 764 30.07 -2.47 18.19
N LEU A 765 29.46 -3.16 17.21
CA LEU A 765 28.08 -3.59 17.31
C LEU A 765 27.89 -4.54 18.46
N ASN A 766 28.63 -5.64 18.45
CA ASN A 766 28.54 -6.64 19.52
C ASN A 766 28.76 -5.99 20.89
N HIS A 767 29.71 -5.05 20.96
CA HIS A 767 30.07 -4.30 22.20
C HIS A 767 28.83 -3.53 22.67
N TRP A 768 28.15 -2.94 21.69
CA TRP A 768 26.94 -2.17 21.92
C TRP A 768 25.81 -3.05 22.48
N LEU A 769 25.50 -4.15 21.81
CA LEU A 769 24.47 -5.07 22.31
C LEU A 769 24.83 -5.60 23.70
N LYS A 770 26.09 -5.94 23.92
CA LYS A 770 26.40 -6.45 25.25
C LYS A 770 26.25 -5.37 26.32
N GLU A 771 26.54 -4.12 26.00
CA GLU A 771 26.40 -3.10 27.02
C GLU A 771 24.93 -2.64 27.20
N LYS A 772 24.05 -3.05 26.29
CA LYS A 772 22.66 -2.67 26.40
C LYS A 772 21.83 -3.80 26.96
N SER A 773 22.37 -5.01 26.94
CA SER A 773 21.59 -6.10 27.47
C SER A 773 21.70 -6.24 29.01
N PRO A 774 20.58 -6.05 29.73
CA PRO A 774 20.48 -6.14 31.19
C PRO A 774 21.02 -7.41 31.82
N THR A 775 21.00 -8.51 31.08
CA THR A 775 21.47 -9.80 31.60
C THR A 775 21.99 -10.67 30.46
N GLU A 776 22.95 -11.55 30.75
CA GLU A 776 23.50 -12.45 29.73
C GLU A 776 22.37 -13.19 28.99
N GLU A 777 21.32 -13.53 29.72
CA GLU A 777 20.18 -14.22 29.14
C GLU A 777 19.58 -13.34 28.05
N LYS A 778 19.40 -12.05 28.35
CA LYS A 778 18.88 -11.12 27.35
C LYS A 778 19.86 -10.87 26.23
N PHE A 779 21.15 -10.87 26.55
CA PHE A 779 22.14 -10.62 25.49
C PHE A 779 22.10 -11.72 24.45
N GLN A 780 21.96 -12.95 24.92
CA GLN A 780 21.94 -14.13 24.06
C GLN A 780 20.66 -14.08 23.21
N ALA A 781 19.56 -13.66 23.84
CA ALA A 781 18.29 -13.58 23.14
C ALA A 781 18.39 -12.46 22.10
N ALA A 782 19.08 -11.37 22.44
CA ALA A 782 19.27 -10.25 21.52
C ALA A 782 20.12 -10.67 20.32
N VAL A 783 21.09 -11.56 20.54
CA VAL A 783 21.97 -12.01 19.47
C VAL A 783 21.16 -12.89 18.55
N GLU A 784 20.28 -13.69 19.15
CA GLU A 784 19.43 -14.57 18.39
C GLU A 784 18.44 -13.74 17.54
N ARG A 785 17.86 -12.70 18.13
CA ARG A 785 16.94 -11.86 17.39
C ARG A 785 17.68 -11.18 16.26
N PHE A 786 18.95 -10.83 16.51
CA PHE A 786 19.72 -10.19 15.46
C PHE A 786 19.91 -11.12 14.25
N VAL A 787 20.25 -12.36 14.50
CA VAL A 787 20.47 -13.33 13.42
C VAL A 787 19.19 -13.41 12.60
N TYR A 788 18.05 -13.49 13.28
CA TYR A 788 16.81 -13.58 12.52
C TYR A 788 16.40 -12.36 11.71
N SER A 789 16.49 -11.18 12.35
CA SER A 789 16.10 -9.93 11.72
C SER A 789 17.06 -9.60 10.60
N CYS A 790 18.35 -9.89 10.79
CA CYS A 790 19.32 -9.61 9.75
C CYS A 790 19.07 -10.48 8.49
N ALA A 791 18.75 -11.74 8.69
CA ALA A 791 18.45 -12.62 7.57
C ALA A 791 17.14 -12.16 6.87
N GLY A 792 16.06 -11.92 7.62
CA GLY A 792 14.80 -11.48 7.03
C GLY A 792 14.99 -10.23 6.13
N TYR A 793 15.67 -9.19 6.67
CA TYR A 793 15.94 -8.00 5.85
C TYR A 793 16.90 -8.28 4.67
N CYS A 794 17.90 -9.16 4.84
CA CYS A 794 18.78 -9.44 3.70
C CYS A 794 17.98 -10.04 2.56
N VAL A 795 17.14 -11.04 2.88
CA VAL A 795 16.28 -11.66 1.84
C VAL A 795 15.21 -10.69 1.32
N ALA A 796 14.49 -10.05 2.24
CA ALA A 796 13.40 -9.13 1.87
C ALA A 796 13.93 -7.97 1.03
N THR A 797 15.06 -7.45 1.45
CA THR A 797 15.57 -6.32 0.73
C THR A 797 16.15 -6.73 -0.63
N PHE A 798 16.70 -7.92 -0.73
CA PHE A 798 17.26 -8.37 -1.99
C PHE A 798 16.16 -8.55 -3.03
N VAL A 799 15.12 -9.24 -2.66
CA VAL A 799 14.04 -9.45 -3.58
C VAL A 799 13.48 -8.12 -4.12
N LEU A 800 13.38 -7.12 -3.23
CA LEU A 800 12.84 -5.80 -3.65
C LEU A 800 13.88 -4.89 -4.28
N GLY A 801 15.13 -5.35 -4.32
CA GLY A 801 16.22 -4.56 -4.94
C GLY A 801 16.53 -3.24 -4.29
N ILE A 802 16.45 -3.21 -2.97
CA ILE A 802 16.70 -2.02 -2.18
C ILE A 802 17.66 -2.46 -1.08
N GLY A 803 18.45 -3.50 -1.38
CA GLY A 803 19.40 -4.02 -0.42
C GLY A 803 20.68 -3.20 -0.29
N ASP A 804 21.16 -2.63 -1.39
CA ASP A 804 22.40 -1.82 -1.32
C ASP A 804 22.15 -0.52 -0.56
N ARG A 805 22.30 -0.56 0.75
CA ARG A 805 22.06 0.65 1.52
C ARG A 805 23.22 1.21 2.32
N HIS A 806 23.12 2.49 2.67
CA HIS A 806 24.11 3.16 3.52
C HIS A 806 23.73 2.86 4.98
N ASN A 807 24.76 2.62 5.80
CA ASN A 807 24.72 2.28 7.23
C ASN A 807 23.82 3.13 8.08
N ASP A 808 23.64 4.37 7.64
CA ASP A 808 22.81 5.29 8.33
C ASP A 808 21.29 5.02 8.10
N ASN A 809 20.96 4.10 7.20
CA ASN A 809 19.55 3.81 6.94
C ASN A 809 19.17 2.49 7.52
N ILE A 810 20.06 1.95 8.34
CA ILE A 810 19.79 0.69 8.96
C ILE A 810 19.77 0.90 10.46
N MET A 811 18.71 0.43 11.10
CA MET A 811 18.58 0.60 12.53
C MET A 811 18.53 -0.72 13.31
N ILE A 812 18.63 -0.62 14.63
CA ILE A 812 18.60 -1.80 15.50
C ILE A 812 18.13 -1.43 16.91
N THR A 813 17.40 -2.35 17.51
CA THR A 813 16.91 -2.07 18.82
C THR A 813 17.89 -2.58 19.88
N GLU A 814 17.76 -2.03 21.08
CA GLU A 814 18.64 -2.46 22.14
C GLU A 814 18.39 -3.92 22.33
N THR A 815 17.21 -4.35 21.90
CA THR A 815 16.82 -5.74 22.02
C THR A 815 17.30 -6.63 20.88
N GLY A 816 18.16 -6.07 20.04
CA GLY A 816 18.73 -6.84 18.95
C GLY A 816 17.96 -6.87 17.63
N ASN A 817 16.85 -6.12 17.51
CA ASN A 817 16.09 -6.16 16.28
C ASN A 817 16.61 -5.19 15.25
N LEU A 818 17.20 -5.72 14.20
CA LEU A 818 17.70 -4.90 13.10
C LEU A 818 16.49 -4.58 12.13
N PHE A 819 16.53 -3.44 11.44
CA PHE A 819 15.46 -3.09 10.53
C PHE A 819 15.81 -1.89 9.70
N HIS A 820 15.57 -1.96 8.38
CA HIS A 820 15.87 -0.85 7.49
C HIS A 820 14.84 0.27 7.62
N ILE A 821 15.18 1.43 7.11
CA ILE A 821 14.26 2.57 7.18
C ILE A 821 14.56 3.44 5.95
N ASP A 822 13.82 4.55 5.79
CA ASP A 822 14.07 5.50 4.70
C ASP A 822 14.03 4.87 3.31
N PHE A 823 13.00 4.12 3.03
CA PHE A 823 12.91 3.48 1.73
C PHE A 823 12.59 4.44 0.64
N GLY A 824 12.05 5.59 1.01
CA GLY A 824 11.69 6.62 0.03
C GLY A 824 12.62 6.78 -1.17
N HIS A 825 12.61 5.79 -2.08
CA HIS A 825 13.44 5.74 -3.30
C HIS A 825 14.93 5.47 -3.02
N GLU A 839 31.23 -0.01 -7.35
CA GLU A 839 30.90 -1.35 -6.89
C GLU A 839 29.56 -1.40 -6.16
N ARG A 840 28.90 -2.55 -6.20
CA ARG A 840 27.60 -2.69 -5.54
C ARG A 840 27.52 -3.93 -4.64
N VAL A 841 26.42 -4.05 -3.90
CA VAL A 841 26.24 -5.20 -3.05
C VAL A 841 24.76 -5.65 -3.05
N PRO A 842 24.50 -6.97 -2.93
CA PRO A 842 23.12 -7.46 -2.95
C PRO A 842 22.29 -6.99 -1.75
N PHE A 843 22.94 -6.87 -0.61
CA PHE A 843 22.29 -6.44 0.63
C PHE A 843 23.35 -6.11 1.68
N VAL A 844 22.96 -5.61 2.85
CA VAL A 844 23.97 -5.25 3.83
C VAL A 844 24.30 -6.37 4.81
N LEU A 845 25.48 -6.93 4.66
CA LEU A 845 25.93 -7.98 5.58
C LEU A 845 27.44 -7.69 5.75
N THR A 846 27.69 -6.70 6.62
CA THR A 846 29.03 -6.18 6.90
C THR A 846 29.75 -6.90 8.03
N PRO A 847 31.06 -6.66 8.15
CA PRO A 847 31.86 -7.32 9.21
C PRO A 847 31.31 -7.25 10.65
N ASP A 848 30.65 -6.10 10.96
CA ASP A 848 30.06 -5.93 12.28
C ASP A 848 28.90 -6.90 12.50
N PHE A 849 28.07 -7.09 11.47
CA PHE A 849 26.93 -8.00 11.57
C PHE A 849 27.47 -9.41 11.76
N LEU A 850 28.45 -9.77 10.93
CA LEU A 850 29.07 -11.08 11.03
C LEU A 850 29.74 -11.35 12.39
N PHE A 851 30.44 -10.35 12.93
CA PHE A 851 31.15 -10.51 14.21
C PHE A 851 30.16 -10.87 15.34
N VAL A 852 29.00 -10.20 15.31
CA VAL A 852 27.91 -10.44 16.25
C VAL A 852 27.46 -11.90 16.12
N MET A 853 27.65 -12.48 14.94
CA MET A 853 27.26 -13.89 14.73
C MET A 853 28.44 -14.83 15.05
N GLY A 854 29.58 -14.23 15.38
CA GLY A 854 30.77 -14.99 15.71
C GLY A 854 31.58 -15.48 14.51
N THR A 855 31.80 -14.62 13.53
CA THR A 855 32.57 -15.00 12.35
C THR A 855 33.33 -13.79 11.82
N SER A 856 34.28 -14.03 10.93
CA SER A 856 35.05 -12.94 10.32
C SER A 856 36.05 -13.49 9.34
N GLY A 857 36.21 -12.80 8.23
CA GLY A 857 37.14 -13.23 7.20
C GLY A 857 36.86 -14.60 6.61
N LYS A 858 35.72 -14.77 5.95
CA LYS A 858 35.38 -16.06 5.33
C LYS A 858 35.63 -17.25 6.29
N LYS A 859 35.05 -17.18 7.48
CA LYS A 859 35.20 -18.25 8.46
C LYS A 859 33.81 -18.93 8.57
N THR A 860 33.43 -19.33 9.78
CA THR A 860 32.13 -19.97 9.99
C THR A 860 31.79 -19.89 11.45
N SER A 861 30.57 -20.30 11.83
CA SER A 861 30.16 -20.28 13.22
C SER A 861 28.77 -20.86 13.33
N PRO A 862 28.38 -21.31 14.54
CA PRO A 862 27.04 -21.89 14.73
C PRO A 862 25.96 -20.86 14.36
N HIS A 863 26.16 -19.61 14.75
CA HIS A 863 25.19 -18.55 14.45
C HIS A 863 25.20 -18.15 12.99
N PHE A 864 26.38 -18.06 12.39
CA PHE A 864 26.40 -17.67 10.98
C PHE A 864 25.80 -18.77 10.14
N GLN A 865 26.04 -20.00 10.51
CA GLN A 865 25.47 -21.09 9.77
C GLN A 865 23.95 -21.04 9.90
N LYS A 866 23.46 -20.70 11.10
CA LYS A 866 22.02 -20.60 11.36
C LYS A 866 21.45 -19.54 10.41
N PHE A 867 22.13 -18.40 10.38
CA PHE A 867 21.80 -17.30 9.50
C PHE A 867 21.68 -17.76 8.04
N GLN A 868 22.65 -18.53 7.54
CA GLN A 868 22.57 -18.98 6.13
C GLN A 868 21.38 -19.90 5.80
N ASP A 869 21.08 -20.82 6.71
CA ASP A 869 19.98 -21.76 6.52
C ASP A 869 18.66 -21.00 6.57
N ILE A 870 18.49 -20.12 7.56
CA ILE A 870 17.27 -19.34 7.66
C ILE A 870 17.07 -18.55 6.38
N CYS A 871 18.13 -17.89 5.92
CA CYS A 871 18.04 -17.12 4.68
C CYS A 871 17.48 -18.02 3.59
N VAL A 872 18.12 -19.17 3.40
CA VAL A 872 17.68 -20.05 2.36
C VAL A 872 16.23 -20.42 2.54
N LYS A 873 15.92 -20.96 3.70
CA LYS A 873 14.56 -21.36 3.94
C LYS A 873 13.57 -20.23 3.65
N ALA A 874 13.98 -19.01 3.96
CA ALA A 874 13.15 -17.83 3.78
C ALA A 874 13.03 -17.39 2.33
N TYR A 875 14.17 -17.48 1.64
CA TYR A 875 14.27 -17.09 0.25
C TYR A 875 13.39 -17.96 -0.62
N LEU A 876 13.46 -19.26 -0.42
CA LEU A 876 12.65 -20.17 -1.23
C LEU A 876 11.18 -20.19 -0.81
N ALA A 877 10.86 -19.53 0.31
CA ALA A 877 9.47 -19.41 0.74
C ALA A 877 8.85 -18.25 -0.06
N LEU A 878 9.65 -17.24 -0.41
CA LEU A 878 9.09 -16.13 -1.21
C LEU A 878 8.97 -16.62 -2.65
N ARG A 879 9.85 -17.52 -3.06
CA ARG A 879 9.75 -18.05 -4.42
C ARG A 879 8.46 -18.85 -4.53
N HIS A 880 8.07 -19.56 -3.48
CA HIS A 880 6.81 -20.30 -3.59
C HIS A 880 5.65 -19.36 -3.97
N HIS A 881 5.87 -18.06 -3.92
CA HIS A 881 4.81 -17.11 -4.25
C HIS A 881 5.32 -16.12 -5.25
N THR A 882 6.21 -16.56 -6.11
CA THR A 882 6.77 -15.75 -7.13
C THR A 882 5.73 -14.86 -7.84
N ASN A 883 4.59 -15.42 -8.23
CA ASN A 883 3.63 -14.58 -8.93
C ASN A 883 3.05 -13.43 -8.12
N LEU A 884 2.69 -13.71 -6.87
CA LEU A 884 2.17 -12.67 -6.00
C LEU A 884 3.19 -11.52 -5.82
N LEU A 885 4.46 -11.90 -5.61
CA LEU A 885 5.48 -10.88 -5.43
C LEU A 885 5.72 -10.08 -6.73
N ILE A 886 5.82 -10.78 -7.84
CA ILE A 886 6.02 -10.08 -9.11
C ILE A 886 4.89 -9.06 -9.36
N ILE A 887 3.65 -9.49 -9.10
CA ILE A 887 2.50 -8.62 -9.29
C ILE A 887 2.51 -7.50 -8.27
N LEU A 888 2.83 -7.75 -7.01
CA LEU A 888 2.84 -6.63 -6.09
C LEU A 888 3.96 -5.64 -6.46
N PHE A 889 5.11 -6.18 -6.83
CA PHE A 889 6.24 -5.35 -7.20
C PHE A 889 5.91 -4.53 -8.46
N SER A 890 5.20 -5.18 -9.37
CA SER A 890 4.84 -4.53 -10.61
C SER A 890 3.82 -3.40 -10.38
N MET A 891 2.86 -3.61 -9.49
CA MET A 891 1.87 -2.57 -9.25
C MET A 891 2.46 -1.44 -8.44
N MET A 892 3.33 -1.79 -7.51
CA MET A 892 3.94 -0.79 -6.66
C MET A 892 4.67 0.26 -7.49
N LEU A 893 5.41 -0.20 -8.49
CA LEU A 893 6.13 0.71 -9.34
C LEU A 893 5.23 1.63 -10.15
N MET A 894 4.18 1.06 -10.75
CA MET A 894 3.31 1.87 -11.58
C MET A 894 2.52 2.90 -10.87
N THR A 895 2.14 2.59 -9.65
CA THR A 895 1.31 3.48 -8.84
C THR A 895 2.07 4.16 -7.73
N GLY A 896 3.30 3.73 -7.46
CA GLY A 896 4.06 4.31 -6.37
C GLY A 896 5.21 5.23 -6.73
N MET A 897 6.22 4.72 -7.42
CA MET A 897 7.39 5.52 -7.80
C MET A 897 7.09 6.43 -9.01
N PRO A 898 8.01 7.38 -9.30
CA PRO A 898 7.84 8.31 -10.44
C PRO A 898 7.62 7.51 -11.74
N GLN A 899 8.69 7.29 -12.50
CA GLN A 899 8.56 6.53 -13.74
C GLN A 899 9.36 5.21 -13.71
N LEU A 900 8.73 4.14 -14.22
CA LEU A 900 9.35 2.84 -14.27
C LEU A 900 9.38 2.28 -15.70
N THR A 901 10.45 1.56 -16.01
CA THR A 901 10.68 0.95 -17.32
C THR A 901 9.71 -0.19 -17.53
N SER A 902 9.03 -0.14 -18.67
CA SER A 902 8.03 -1.15 -19.01
C SER A 902 8.69 -2.50 -19.21
N LYS A 903 9.90 -2.63 -18.67
CA LYS A 903 10.62 -3.87 -18.80
C LYS A 903 11.69 -3.95 -17.70
N GLU A 904 12.90 -3.50 -18.04
CA GLU A 904 14.03 -3.53 -17.14
C GLU A 904 13.69 -3.44 -15.66
N ASP A 905 13.03 -2.35 -15.26
CA ASP A 905 12.66 -2.14 -13.87
C ASP A 905 11.94 -3.31 -13.24
N ILE A 906 10.73 -3.57 -13.71
CA ILE A 906 9.91 -4.66 -13.20
C ILE A 906 10.70 -5.96 -13.27
N GLU A 907 11.31 -6.19 -14.43
CA GLU A 907 12.08 -7.38 -14.71
C GLU A 907 13.07 -7.79 -13.61
N TYR A 908 13.48 -6.84 -12.78
CA TYR A 908 14.43 -7.13 -11.69
C TYR A 908 13.99 -8.29 -10.80
N ILE A 909 12.82 -8.12 -10.20
CA ILE A 909 12.21 -9.10 -9.31
C ILE A 909 12.26 -10.52 -9.87
N ARG A 910 12.20 -10.65 -11.19
CA ARG A 910 12.25 -11.97 -11.83
C ARG A 910 13.63 -12.62 -11.64
N ASP A 911 14.66 -11.85 -11.96
CA ASP A 911 16.03 -12.33 -11.81
C ASP A 911 16.28 -12.51 -10.33
N ALA A 912 15.79 -11.58 -9.53
CA ALA A 912 16.02 -11.73 -8.10
C ALA A 912 15.32 -12.98 -7.58
N LEU A 913 14.14 -13.31 -8.11
CA LEU A 913 13.41 -14.48 -7.65
C LEU A 913 13.84 -15.76 -8.36
N THR A 914 14.96 -15.64 -9.06
CA THR A 914 15.57 -16.72 -9.81
C THR A 914 14.50 -17.61 -10.49
N VAL A 915 13.62 -16.95 -11.24
CA VAL A 915 12.54 -17.64 -11.94
C VAL A 915 13.08 -18.69 -12.91
N GLY A 916 12.58 -19.91 -12.80
CA GLY A 916 13.06 -20.93 -13.69
C GLY A 916 13.94 -21.93 -12.98
N LYS A 917 14.88 -21.44 -12.18
CA LYS A 917 15.77 -22.34 -11.47
C LYS A 917 14.99 -23.18 -10.46
N ASN A 918 15.59 -24.29 -10.06
CA ASN A 918 14.99 -25.17 -9.06
C ASN A 918 15.49 -24.72 -7.69
N GLU A 919 14.88 -25.26 -6.65
CA GLU A 919 15.25 -24.88 -5.30
C GLU A 919 16.74 -25.03 -5.04
N GLU A 920 17.36 -26.12 -5.50
CA GLU A 920 18.80 -26.30 -5.27
C GLU A 920 19.65 -25.18 -5.86
N ASP A 921 19.38 -24.80 -7.10
CA ASP A 921 20.12 -23.71 -7.77
C ASP A 921 19.84 -22.38 -7.06
N ALA A 922 18.59 -22.21 -6.59
CA ALA A 922 18.17 -21.01 -5.89
C ALA A 922 18.92 -20.93 -4.56
N LYS A 923 18.85 -21.98 -3.76
CA LYS A 923 19.57 -22.00 -2.51
C LYS A 923 21.02 -21.55 -2.77
N LYS A 924 21.63 -22.18 -3.77
CA LYS A 924 23.00 -21.88 -4.16
C LYS A 924 23.14 -20.43 -4.55
N TYR A 925 22.24 -19.98 -5.41
CA TYR A 925 22.29 -18.61 -5.87
C TYR A 925 22.31 -17.59 -4.74
N PHE A 926 21.47 -17.82 -3.73
CA PHE A 926 21.39 -16.89 -2.63
C PHE A 926 22.69 -16.93 -1.83
N LEU A 927 23.12 -18.13 -1.43
CA LEU A 927 24.38 -18.33 -0.67
C LEU A 927 25.59 -17.63 -1.32
N ASP A 928 25.61 -17.59 -2.64
CA ASP A 928 26.69 -16.90 -3.34
C ASP A 928 26.60 -15.39 -3.07
N GLN A 929 25.36 -14.88 -3.03
CA GLN A 929 25.13 -13.47 -2.75
C GLN A 929 25.68 -13.18 -1.35
N ILE A 930 25.48 -14.14 -0.44
CA ILE A 930 25.99 -13.95 0.92
C ILE A 930 27.50 -13.81 0.90
N GLU A 931 28.15 -14.53 -0.02
CA GLU A 931 29.60 -14.49 -0.16
C GLU A 931 30.11 -13.16 -0.75
N VAL A 932 29.41 -12.63 -1.74
CA VAL A 932 29.83 -11.34 -2.31
C VAL A 932 29.91 -10.32 -1.18
N CYS A 933 28.94 -10.36 -0.29
CA CYS A 933 28.96 -9.44 0.83
C CYS A 933 30.20 -9.72 1.67
N ARG A 934 30.51 -11.00 1.83
CA ARG A 934 31.65 -11.41 2.64
C ARG A 934 32.93 -10.83 2.04
N ASP A 935 33.00 -10.87 0.72
CA ASP A 935 34.15 -10.35 0.00
C ASP A 935 34.30 -8.86 0.14
N LYS A 936 33.16 -8.16 0.01
CA LYS A 936 33.10 -6.71 0.08
C LYS A 936 33.48 -6.07 1.41
N GLY A 937 33.30 -6.80 2.52
CA GLY A 937 33.62 -6.28 3.85
C GLY A 937 33.06 -4.88 4.09
N TRP A 938 33.93 -3.87 4.25
CA TRP A 938 33.48 -2.49 4.48
C TRP A 938 33.49 -1.60 3.23
N THR A 939 33.95 -2.14 2.11
CA THR A 939 34.06 -1.42 0.85
C THR A 939 32.90 -0.51 0.55
N VAL A 940 31.77 -1.14 0.22
CA VAL A 940 30.57 -0.39 -0.13
C VAL A 940 30.16 0.60 0.94
N GLN A 941 30.09 0.17 2.18
CA GLN A 941 29.74 1.14 3.22
C GLN A 941 30.66 2.36 3.14
N PHE A 942 31.97 2.10 3.10
CA PHE A 942 32.93 3.20 3.03
C PHE A 942 32.64 4.02 1.79
N ASN A 943 32.34 3.33 0.70
CA ASN A 943 32.01 4.04 -0.52
C ASN A 943 30.74 4.85 -0.38
N TRP A 944 29.82 4.45 0.49
CA TRP A 944 28.58 5.20 0.56
C TRP A 944 28.72 6.63 1.06
N PHE A 945 29.21 7.50 0.18
CA PHE A 945 29.38 8.93 0.44
C PHE A 945 29.12 9.60 -0.87
N LEU A 946 29.50 8.87 -1.92
CA LEU A 946 29.33 9.26 -3.30
C LEU A 946 27.83 9.38 -3.57
N HIS A 947 27.32 8.50 -4.43
CA HIS A 947 25.90 8.54 -4.77
C HIS A 947 25.43 7.17 -5.30
N LEU A 948 24.14 7.11 -5.61
CA LEU A 948 23.49 5.91 -6.15
C LEU A 948 23.33 6.03 -7.67
N VAL A 949 23.52 4.91 -8.38
CA VAL A 949 23.40 4.87 -9.85
C VAL A 949 23.02 3.47 -10.31
N LEU A 950 23.52 3.10 -11.49
CA LEU A 950 23.27 1.81 -12.10
C LEU A 950 21.75 1.54 -12.18
O4 STU B . 15.21 10.54 11.94
C25 STU B . 16.05 9.86 12.92
C24 STU B . 17.51 9.53 12.40
C23 STU B . 17.57 8.97 10.94
C22 STU B . 16.64 9.83 10.01
C21 STU B . 15.13 10.09 10.54
C26 STU B . 14.46 11.33 9.87
N2 STU B . 14.19 8.83 10.42
C18 STU B . 13.92 7.94 11.41
C19 STU B . 14.43 7.87 12.80
C6 STU B . 13.96 6.80 13.69
C7 STU B . 12.96 5.79 13.20
C10 STU B . 12.47 5.86 11.85
C11 STU B . 12.96 6.95 10.96
C12 STU B . 12.63 7.21 9.63
C17 STU B . 13.38 8.37 9.28
C16 STU B . 13.22 8.90 7.90
C15 STU B . 12.36 8.26 6.96
C14 STU B . 11.62 7.10 7.33
C13 STU B . 11.73 6.55 8.65
C9 STU B . 11.50 4.71 11.69
N1 STU B . 11.52 4.08 12.98
C8 STU B . 12.30 4.63 13.86
O5 STU B . 12.43 4.23 15.01
C5 STU B . 14.60 6.94 14.92
C20 STU B . 15.44 8.09 14.77
C1 STU B . 16.28 8.53 15.88
C2 STU B . 16.23 7.82 17.12
C3 STU B . 15.40 6.68 17.27
C4 STU B . 14.57 6.24 16.20
N3 STU B . 15.32 8.63 13.45
O6 STU B . 16.66 9.31 8.64
C27 STU B . 17.61 9.88 7.70
N4 STU B . 17.20 7.53 10.97
C28 STU B . 18.08 6.49 11.51
#